data_5H9D
#
_entry.id   5H9D
#
_cell.length_a   137.394
_cell.length_b   137.642
_cell.length_c   144.050
_cell.angle_alpha   90.00
_cell.angle_beta   90.00
_cell.angle_gamma   90.00
#
_symmetry.space_group_name_H-M   'C 2 2 21'
#
loop_
_entity.id
_entity.type
_entity.pdbx_description
1 polymer 'Farnesyl pyrophosphate synthetase'
2 polymer 'Heptaprenyl diphosphate synthase (HEPPP synthase) subunit 1 family protein'
3 polymer 'C-terminal peptide from Heptaprenyl diphosphate synthase (HEPPP synthase) subunit 1 family protein'
4 non-polymer 'PHOSPHATE ION'
5 water water
#
loop_
_entity_poly.entity_id
_entity_poly.type
_entity_poly.pdbx_seq_one_letter_code
_entity_poly.pdbx_strand_id
1 'polypeptide(L)'
;MAKLNMNNEIKKVEQRLEKAIKSKDSVLEQASLHLLSSGGKRVRPAFVILSSQFGKDEQTSEQTYQVAVALELIHMATLV
HDDVIDKSDKRRGKLTISKKWDQTTAILTGNFLLALGLEHLMAVKDNRVHQLISESIVDVCRGELFQFQDQFNSQQTIIN
YLRRINRKTALLIQISTEVGAITSQSDKETVRKLKMIGHYIGMSFQIIDDVLDFTSTEKKLGKPVGSDLLNGHITLPILL
EMRKNPDFKLKIEQLRRDSERKEFEECIQIIRKSDSIDEAKAVSSKYLSKALNLISELPDGHPKSLLLSLTKKMGSRNT
;
A,B
2 'polypeptide(L)'
;METTVSKLERQIEERLKGVSEYESININHRLGKLLDSYDIPDVAKVACLTIDTSMRHLDDITYNHLSKHSILIGDLISAH
FYTLLAEINDLSFQNEISKAIVEINELKSSLHHQALNDYEISQAIVKIETLFPYITLSHFGINIDESEIYNYLFEDMSDY
YPSYFKKYNQSEVKHYLHDIQKSYLKSRGN
;
C,D
3 'polypeptide(L)' KHYLHDIQKSYLKSRGN K,L
#
loop_
_chem_comp.id
_chem_comp.type
_chem_comp.name
_chem_comp.formula
PO4 non-polymer 'PHOSPHATE ION' 'O4 P -3'
#
# COMPACT_ATOMS: atom_id res chain seq x y z
N ALA A 2 -21.80 -3.21 -11.16
CA ALA A 2 -22.44 -3.64 -9.88
C ALA A 2 -21.58 -4.64 -9.13
N LYS A 3 -20.44 -5.00 -9.72
CA LYS A 3 -19.51 -5.93 -9.07
C LYS A 3 -18.77 -5.01 -8.12
N LEU A 4 -18.98 -5.26 -6.83
CA LEU A 4 -18.36 -4.50 -5.77
C LEU A 4 -16.88 -4.29 -6.08
N ASN A 5 -16.47 -3.03 -6.09
CA ASN A 5 -15.06 -2.68 -6.30
C ASN A 5 -14.62 -2.15 -4.94
N MET A 6 -13.56 -2.74 -4.40
CA MET A 6 -13.06 -2.34 -3.10
C MET A 6 -12.57 -0.91 -3.19
N ASN A 7 -11.64 -0.66 -4.09
CA ASN A 7 -11.08 0.68 -4.27
C ASN A 7 -12.19 1.72 -4.25
N ASN A 8 -13.20 1.48 -5.07
CA ASN A 8 -14.31 2.39 -5.16
C ASN A 8 -15.03 2.46 -3.82
N GLU A 9 -15.15 1.32 -3.13
CA GLU A 9 -15.85 1.35 -1.86
C GLU A 9 -15.12 2.14 -0.81
N ILE A 10 -13.81 2.00 -0.76
CA ILE A 10 -12.96 2.72 0.20
C ILE A 10 -13.04 4.24 -0.01
N LYS A 11 -13.15 4.69 -1.26
CA LYS A 11 -13.24 6.13 -1.51
C LYS A 11 -14.55 6.71 -0.97
N LYS A 12 -15.62 5.93 -1.08
CA LYS A 12 -16.90 6.41 -0.58
C LYS A 12 -16.80 6.53 0.94
N VAL A 13 -16.07 5.62 1.57
CA VAL A 13 -15.95 5.74 3.02
C VAL A 13 -14.98 6.89 3.37
N GLU A 14 -14.00 7.12 2.53
CA GLU A 14 -12.99 8.16 2.78
C GLU A 14 -13.56 9.58 2.63
N GLN A 15 -14.54 9.72 1.75
CA GLN A 15 -15.19 11.01 1.48
C GLN A 15 -16.17 11.36 2.58
N ARG A 16 -16.73 10.31 3.19
CA ARG A 16 -17.67 10.41 4.30
C ARG A 16 -16.84 10.72 5.55
N LEU A 17 -15.58 10.28 5.57
CA LEU A 17 -14.69 10.57 6.68
C LEU A 17 -14.24 12.01 6.60
N GLU A 18 -13.98 12.49 5.40
CA GLU A 18 -13.56 13.86 5.19
C GLU A 18 -14.64 14.86 5.63
N LYS A 19 -15.92 14.53 5.40
CA LYS A 19 -16.94 15.46 5.85
C LYS A 19 -17.05 15.40 7.39
N ALA A 20 -17.13 14.19 7.93
CA ALA A 20 -17.25 13.96 9.36
C ALA A 20 -16.19 14.66 10.21
N ILE A 21 -15.05 14.95 9.61
CA ILE A 21 -13.96 15.56 10.32
C ILE A 21 -14.01 17.10 10.43
N LYS A 22 -14.86 17.71 9.61
CA LYS A 22 -14.98 19.15 9.64
C LYS A 22 -15.47 19.62 11.00
N SER A 23 -14.88 20.69 11.52
CA SER A 23 -15.27 21.16 12.83
C SER A 23 -15.43 22.67 12.98
N LYS A 24 -16.21 23.06 13.99
CA LYS A 24 -16.39 24.45 14.30
C LYS A 24 -15.04 24.98 14.78
N ASP A 25 -14.17 24.10 15.29
CA ASP A 25 -12.82 24.53 15.72
C ASP A 25 -11.84 24.11 14.63
N SER A 26 -11.15 25.12 14.12
CA SER A 26 -10.20 25.01 13.05
C SER A 26 -9.06 24.00 13.24
N VAL A 27 -8.34 24.11 14.34
CA VAL A 27 -7.24 23.16 14.60
C VAL A 27 -7.68 21.71 14.64
N LEU A 28 -8.77 21.39 15.34
CA LEU A 28 -9.24 20.02 15.37
C LEU A 28 -9.49 19.53 13.97
N GLU A 29 -9.89 20.43 13.05
CA GLU A 29 -10.14 20.06 11.67
C GLU A 29 -8.85 19.78 10.89
N GLN A 30 -7.85 20.64 11.08
CA GLN A 30 -6.57 20.46 10.43
C GLN A 30 -5.84 19.22 10.98
N ALA A 31 -5.91 19.00 12.28
CA ALA A 31 -5.26 17.84 12.88
C ALA A 31 -5.88 16.54 12.36
N SER A 32 -7.20 16.41 12.47
CA SER A 32 -7.88 15.23 11.98
C SER A 32 -7.55 14.96 10.51
N LEU A 33 -7.56 16.01 9.69
CA LEU A 33 -7.26 15.90 8.26
C LEU A 33 -5.77 15.58 8.03
N HIS A 34 -4.91 16.15 8.86
CA HIS A 34 -3.49 15.85 8.75
C HIS A 34 -3.32 14.33 8.86
N LEU A 35 -3.84 13.75 9.93
CA LEU A 35 -3.77 12.30 10.15
C LEU A 35 -4.51 11.51 9.09
N LEU A 36 -5.75 11.91 8.79
CA LEU A 36 -6.55 11.21 7.81
C LEU A 36 -5.89 11.06 6.43
N SER A 37 -5.29 12.15 5.96
CA SER A 37 -4.64 12.22 4.65
C SER A 37 -3.20 11.73 4.56
N SER A 38 -2.49 11.59 5.69
CA SER A 38 -1.13 11.11 5.63
C SER A 38 -1.29 9.63 5.37
N GLY A 39 -2.55 9.24 5.48
CA GLY A 39 -3.06 7.89 5.21
C GLY A 39 -2.54 6.53 5.62
N GLY A 40 -3.48 5.69 6.02
CA GLY A 40 -3.20 4.32 6.41
C GLY A 40 -4.01 3.42 5.48
N LYS A 41 -4.02 2.11 5.73
CA LYS A 41 -4.73 1.17 4.85
C LYS A 41 -6.23 0.97 4.98
N ARG A 42 -6.86 1.69 5.90
CA ARG A 42 -8.30 1.57 6.02
C ARG A 42 -8.80 0.12 6.02
N VAL A 43 -8.10 -0.77 6.73
CA VAL A 43 -8.52 -2.16 6.78
C VAL A 43 -9.87 -2.35 7.47
N ARG A 44 -10.07 -1.72 8.65
CA ARG A 44 -11.34 -1.84 9.39
C ARG A 44 -12.53 -1.49 8.50
N PRO A 45 -12.52 -0.29 7.87
CA PRO A 45 -13.67 0.03 7.00
C PRO A 45 -13.84 -1.04 5.93
N ALA A 46 -12.71 -1.58 5.45
CA ALA A 46 -12.72 -2.59 4.40
C ALA A 46 -13.43 -3.84 4.86
N PHE A 47 -13.06 -4.36 6.02
CA PHE A 47 -13.74 -5.54 6.51
C PHE A 47 -15.22 -5.32 6.78
N VAL A 48 -15.62 -4.10 7.11
CA VAL A 48 -17.02 -3.82 7.37
C VAL A 48 -17.82 -3.91 6.05
N ILE A 49 -17.37 -3.21 5.01
CA ILE A 49 -18.03 -3.28 3.71
C ILE A 49 -18.14 -4.78 3.33
N LEU A 50 -17.00 -5.44 3.12
CA LEU A 50 -16.94 -6.88 2.76
C LEU A 50 -17.80 -7.81 3.60
N SER A 51 -17.74 -7.65 4.93
CA SER A 51 -18.54 -8.46 5.84
C SER A 51 -20.03 -8.30 5.60
N SER A 52 -20.45 -7.23 4.94
CA SER A 52 -21.86 -7.04 4.74
C SER A 52 -22.44 -7.66 3.48
N GLN A 53 -21.59 -8.10 2.55
CA GLN A 53 -22.08 -8.71 1.30
C GLN A 53 -22.74 -10.11 1.45
N PHE A 54 -22.64 -10.72 2.62
CA PHE A 54 -23.24 -12.05 2.83
C PHE A 54 -24.54 -11.90 3.63
N GLY A 55 -25.16 -10.74 3.51
CA GLY A 55 -26.39 -10.48 4.21
C GLY A 55 -27.53 -10.44 3.24
N LYS A 56 -28.42 -9.47 3.39
CA LYS A 56 -29.51 -9.43 2.48
C LYS A 56 -29.64 -8.11 1.73
N ASP A 57 -28.52 -7.43 1.52
CA ASP A 57 -28.57 -6.18 0.76
C ASP A 57 -27.82 -6.44 -0.55
N GLU A 58 -28.48 -6.19 -1.68
CA GLU A 58 -27.84 -6.46 -2.97
C GLU A 58 -26.75 -5.44 -3.33
N GLN A 59 -26.63 -4.44 -2.49
CA GLN A 59 -25.66 -3.37 -2.63
C GLN A 59 -25.39 -2.86 -1.22
N THR A 60 -24.23 -2.23 -1.02
CA THR A 60 -23.87 -1.71 0.29
C THR A 60 -24.79 -0.56 0.71
N SER A 61 -25.43 -0.69 1.87
CA SER A 61 -26.32 0.35 2.34
C SER A 61 -25.60 1.53 3.04
N GLU A 62 -26.31 2.64 3.22
CA GLU A 62 -25.71 3.78 3.89
C GLU A 62 -25.38 3.40 5.32
N GLN A 63 -26.24 2.59 5.92
CA GLN A 63 -26.01 2.16 7.29
C GLN A 63 -24.67 1.44 7.45
N THR A 64 -24.24 0.72 6.42
CA THR A 64 -22.97 -0.01 6.53
C THR A 64 -21.81 0.94 6.27
N TYR A 65 -22.00 1.96 5.45
CA TYR A 65 -20.94 2.93 5.21
C TYR A 65 -20.76 3.73 6.46
N GLN A 66 -21.84 3.92 7.22
CA GLN A 66 -21.74 4.70 8.43
C GLN A 66 -20.99 3.94 9.54
N VAL A 67 -21.13 2.62 9.57
CA VAL A 67 -20.40 1.89 10.60
C VAL A 67 -18.92 1.86 10.20
N ALA A 68 -18.69 1.84 8.91
CA ALA A 68 -17.32 1.87 8.39
C ALA A 68 -16.63 3.19 8.79
N VAL A 69 -17.33 4.32 8.60
CA VAL A 69 -16.84 5.65 8.96
C VAL A 69 -16.59 5.68 10.49
N ALA A 70 -17.51 5.12 11.26
CA ALA A 70 -17.35 5.10 12.72
C ALA A 70 -16.13 4.29 13.14
N LEU A 71 -15.94 3.12 12.56
CA LEU A 71 -14.79 2.28 12.92
C LEU A 71 -13.44 2.97 12.65
N GLU A 72 -13.31 3.66 11.52
CA GLU A 72 -12.06 4.31 11.20
C GLU A 72 -11.82 5.49 12.12
N LEU A 73 -12.89 6.16 12.56
CA LEU A 73 -12.74 7.31 13.45
C LEU A 73 -12.29 6.86 14.85
N ILE A 74 -12.80 5.72 15.34
CA ILE A 74 -12.42 5.19 16.65
C ILE A 74 -10.95 4.70 16.55
N HIS A 75 -10.63 4.05 15.44
CA HIS A 75 -9.27 3.59 15.19
C HIS A 75 -8.30 4.78 15.28
N MET A 76 -8.64 5.86 14.58
CA MET A 76 -7.88 7.10 14.55
C MET A 76 -7.77 7.74 15.93
N ALA A 77 -8.86 7.78 16.68
CA ALA A 77 -8.75 8.36 18.01
C ALA A 77 -7.65 7.59 18.75
N THR A 78 -7.68 6.27 18.63
CA THR A 78 -6.68 5.46 19.28
C THR A 78 -5.27 5.84 18.83
N LEU A 79 -5.05 5.92 17.51
CA LEU A 79 -3.72 6.32 17.03
C LEU A 79 -3.28 7.67 17.63
N VAL A 80 -4.11 8.69 17.54
CA VAL A 80 -3.72 9.97 18.08
C VAL A 80 -3.33 9.90 19.57
N HIS A 81 -4.20 9.34 20.42
CA HIS A 81 -3.86 9.26 21.83
C HIS A 81 -2.67 8.35 21.95
N ASP A 82 -2.59 7.35 21.11
CA ASP A 82 -1.43 6.47 21.22
C ASP A 82 -0.09 7.19 21.03
N ASP A 83 0.03 8.08 20.05
CA ASP A 83 1.29 8.79 19.85
C ASP A 83 1.62 9.79 20.98
N VAL A 84 0.64 10.16 21.82
CA VAL A 84 0.89 11.08 22.93
C VAL A 84 1.50 10.26 24.05
N ILE A 85 1.04 9.03 24.20
CA ILE A 85 1.56 8.20 25.26
C ILE A 85 2.99 7.72 24.98
N ASP A 86 3.28 7.34 23.74
CA ASP A 86 4.61 6.82 23.38
C ASP A 86 5.63 7.88 23.00
N LYS A 87 5.35 9.15 23.27
CA LYS A 87 6.29 10.19 22.90
C LYS A 87 6.75 9.96 21.45
N SER A 88 5.93 9.25 20.68
CA SER A 88 6.24 8.96 19.28
C SER A 88 6.54 10.24 18.52
N ASP A 89 7.25 10.06 17.40
CA ASP A 89 7.67 11.18 16.56
C ASP A 89 6.87 11.35 15.26
N LYS A 90 6.79 10.27 14.51
CA LYS A 90 6.12 10.30 13.22
C LYS A 90 5.03 9.23 13.11
N ARG A 91 3.95 9.59 12.43
CA ARG A 91 2.81 8.71 12.23
C ARG A 91 2.51 8.79 10.76
N ARG A 92 2.39 7.63 10.12
CA ARG A 92 2.10 7.59 8.69
C ARG A 92 3.06 8.43 7.84
N GLY A 93 4.28 8.67 8.34
CA GLY A 93 5.25 9.44 7.58
C GLY A 93 5.31 10.94 7.84
N LYS A 94 4.38 11.46 8.65
CA LYS A 94 4.38 12.88 8.96
C LYS A 94 4.36 13.01 10.49
N LEU A 95 4.47 14.24 10.97
CA LEU A 95 4.48 14.53 12.40
C LEU A 95 3.20 14.11 13.13
N THR A 96 3.36 13.55 14.30
CA THR A 96 2.19 13.17 15.07
C THR A 96 1.60 14.48 15.51
N ILE A 97 0.30 14.50 15.84
CA ILE A 97 -0.34 15.76 16.22
C ILE A 97 0.35 16.41 17.40
N SER A 98 0.62 15.63 18.42
CA SER A 98 1.31 16.14 19.60
C SER A 98 2.58 16.90 19.23
N LYS A 99 3.21 16.57 18.11
CA LYS A 99 4.43 17.29 17.72
C LYS A 99 4.24 18.42 16.73
N LYS A 100 3.19 18.35 15.92
CA LYS A 100 2.90 19.40 14.94
C LYS A 100 2.25 20.57 15.66
N TRP A 101 1.56 20.29 16.75
CA TRP A 101 0.89 21.32 17.54
C TRP A 101 1.38 21.17 18.99
N ASP A 102 0.65 20.41 19.79
CA ASP A 102 1.07 20.17 21.15
C ASP A 102 0.26 19.06 21.80
N GLN A 103 0.61 18.73 23.04
CA GLN A 103 -0.03 17.67 23.77
C GLN A 103 -1.50 17.91 24.04
N THR A 104 -1.88 19.15 24.38
CA THR A 104 -3.29 19.45 24.67
C THR A 104 -4.11 19.19 23.42
N THR A 105 -3.59 19.65 22.29
CA THR A 105 -4.28 19.48 21.03
C THR A 105 -4.59 18.02 20.70
N ALA A 106 -3.58 17.16 20.76
CA ALA A 106 -3.72 15.73 20.45
C ALA A 106 -4.72 15.03 21.35
N ILE A 107 -4.72 15.37 22.62
CA ILE A 107 -5.66 14.76 23.52
C ILE A 107 -7.07 15.17 23.09
N LEU A 108 -7.22 16.46 22.79
CA LEU A 108 -8.48 16.99 22.38
C LEU A 108 -8.95 16.40 21.07
N THR A 109 -8.01 16.22 20.13
CA THR A 109 -8.37 15.67 18.82
C THR A 109 -8.89 14.25 19.00
N GLY A 110 -8.23 13.49 19.86
CA GLY A 110 -8.64 12.13 20.13
C GLY A 110 -10.06 12.07 20.68
N ASN A 111 -10.39 12.97 21.60
CA ASN A 111 -11.75 12.99 22.17
C ASN A 111 -12.74 13.30 21.07
N PHE A 112 -12.36 14.28 20.24
CA PHE A 112 -13.18 14.72 19.12
C PHE A 112 -13.51 13.53 18.20
N LEU A 113 -12.48 12.84 17.75
CA LEU A 113 -12.59 11.70 16.84
C LEU A 113 -13.45 10.61 17.40
N LEU A 114 -13.31 10.40 18.70
CA LEU A 114 -14.06 9.38 19.39
C LEU A 114 -15.53 9.76 19.49
N ALA A 115 -15.81 11.02 19.82
CA ALA A 115 -17.20 11.47 19.96
C ALA A 115 -17.94 11.30 18.63
N LEU A 116 -17.25 11.62 17.53
CA LEU A 116 -17.83 11.51 16.20
C LEU A 116 -18.14 10.04 15.93
N GLY A 117 -17.26 9.15 16.37
CA GLY A 117 -17.48 7.73 16.19
C GLY A 117 -18.79 7.30 16.82
N LEU A 118 -19.07 7.84 18.01
CA LEU A 118 -20.34 7.54 18.71
C LEU A 118 -21.53 8.10 17.96
N GLU A 119 -21.37 9.29 17.40
CA GLU A 119 -22.45 9.90 16.64
C GLU A 119 -22.77 8.98 15.48
N HIS A 120 -21.73 8.50 14.81
CA HIS A 120 -21.93 7.64 13.65
C HIS A 120 -22.44 6.22 13.91
N LEU A 121 -22.25 5.71 15.12
CA LEU A 121 -22.74 4.38 15.44
C LEU A 121 -24.24 4.40 15.71
N MET A 122 -24.81 5.59 15.94
CA MET A 122 -26.24 5.71 16.22
C MET A 122 -27.05 5.49 14.95
N ALA A 123 -26.37 5.03 13.90
CA ALA A 123 -27.00 4.72 12.61
C ALA A 123 -27.36 3.25 12.67
N VAL A 124 -26.77 2.55 13.63
CA VAL A 124 -27.08 1.15 13.82
C VAL A 124 -28.30 1.27 14.74
N LYS A 125 -29.25 0.36 14.61
CA LYS A 125 -30.46 0.44 15.41
C LYS A 125 -30.54 -0.60 16.53
N ASP A 126 -29.88 -1.73 16.34
CA ASP A 126 -29.89 -2.81 17.33
C ASP A 126 -29.08 -2.47 18.59
N ASN A 127 -29.77 -2.24 19.69
CA ASN A 127 -29.16 -1.89 20.99
C ASN A 127 -28.15 -2.91 21.55
N ARG A 128 -28.11 -4.10 20.94
CA ARG A 128 -27.20 -5.16 21.37
C ARG A 128 -25.83 -4.98 20.70
N VAL A 129 -25.81 -4.30 19.56
CA VAL A 129 -24.55 -4.03 18.87
C VAL A 129 -23.79 -3.01 19.73
N HIS A 130 -24.50 -1.94 20.10
CA HIS A 130 -23.95 -0.87 20.94
C HIS A 130 -23.37 -1.41 22.24
N GLN A 131 -24.08 -2.35 22.85
CA GLN A 131 -23.60 -2.95 24.10
C GLN A 131 -22.36 -3.77 23.75
N LEU A 132 -22.38 -4.41 22.58
CA LEU A 132 -21.26 -5.22 22.12
C LEU A 132 -20.04 -4.34 21.78
N ILE A 133 -20.23 -3.32 20.96
CA ILE A 133 -19.13 -2.44 20.62
C ILE A 133 -18.54 -1.70 21.82
N SER A 134 -19.38 -1.29 22.76
CA SER A 134 -18.93 -0.53 23.92
C SER A 134 -18.11 -1.35 24.92
N GLU A 135 -18.57 -2.54 25.28
CA GLU A 135 -17.84 -3.40 26.22
C GLU A 135 -16.49 -3.82 25.61
N SER A 136 -16.47 -3.93 24.28
CA SER A 136 -15.26 -4.28 23.55
C SER A 136 -14.26 -3.14 23.62
N ILE A 137 -14.73 -1.90 23.53
CA ILE A 137 -13.83 -0.76 23.58
C ILE A 137 -13.24 -0.69 24.97
N VAL A 138 -14.05 -1.04 25.96
CA VAL A 138 -13.57 -1.05 27.35
C VAL A 138 -12.43 -2.06 27.49
N ASP A 139 -12.59 -3.24 26.89
CA ASP A 139 -11.57 -4.28 26.96
C ASP A 139 -10.34 -3.85 26.23
N VAL A 140 -10.55 -3.11 25.14
CA VAL A 140 -9.41 -2.64 24.40
C VAL A 140 -8.60 -1.79 25.34
N CYS A 141 -9.25 -0.80 25.95
CA CYS A 141 -8.56 0.11 26.85
C CYS A 141 -7.90 -0.56 28.02
N ARG A 142 -8.61 -1.45 28.70
CA ARG A 142 -7.97 -2.09 29.85
C ARG A 142 -6.81 -2.90 29.30
N GLY A 143 -6.94 -3.34 28.05
CA GLY A 143 -5.84 -4.05 27.44
C GLY A 143 -4.64 -3.12 27.39
N GLU A 144 -4.78 -2.01 26.67
CA GLU A 144 -3.71 -1.02 26.53
C GLU A 144 -3.05 -0.71 27.85
N LEU A 145 -3.80 -0.84 28.94
CA LEU A 145 -3.27 -0.56 30.26
C LEU A 145 -2.41 -1.72 30.78
N PHE A 146 -2.86 -2.96 30.61
CA PHE A 146 -2.05 -4.09 31.08
C PHE A 146 -0.74 -4.18 30.31
N GLN A 147 -0.76 -3.71 29.06
CA GLN A 147 0.42 -3.71 28.22
C GLN A 147 1.46 -2.71 28.72
N PHE A 148 0.99 -1.52 29.10
CA PHE A 148 1.86 -0.46 29.62
C PHE A 148 2.40 -0.90 30.98
N GLN A 149 1.56 -1.65 31.69
CA GLN A 149 1.84 -2.19 33.00
C GLN A 149 2.75 -3.43 32.89
N ASP A 150 2.78 -4.00 31.68
CA ASP A 150 3.61 -5.18 31.39
C ASP A 150 5.00 -4.76 30.95
N GLN A 151 5.12 -3.50 30.49
CA GLN A 151 6.40 -3.00 29.99
C GLN A 151 7.64 -3.47 30.74
N PHE A 152 8.45 -4.26 30.05
CA PHE A 152 9.70 -4.85 30.57
C PHE A 152 9.59 -6.01 31.54
N ASN A 153 8.43 -6.66 31.53
CA ASN A 153 8.18 -7.82 32.39
C ASN A 153 8.60 -9.07 31.65
N SER A 154 9.79 -9.57 31.97
CA SER A 154 10.32 -10.76 31.32
C SER A 154 9.77 -12.07 31.84
N GLN A 155 8.76 -12.00 32.70
CA GLN A 155 8.20 -13.23 33.28
C GLN A 155 6.80 -13.56 32.73
N GLN A 156 6.33 -12.74 31.80
CA GLN A 156 5.03 -12.95 31.26
C GLN A 156 4.97 -14.19 30.36
N THR A 157 3.78 -14.77 30.23
CA THR A 157 3.58 -15.96 29.43
C THR A 157 2.96 -15.76 28.01
N ILE A 158 3.19 -16.72 27.12
CA ILE A 158 2.64 -16.62 25.78
C ILE A 158 1.12 -16.56 25.78
N ILE A 159 0.47 -17.46 26.50
CA ILE A 159 -0.97 -17.47 26.58
C ILE A 159 -1.43 -16.05 26.96
N ASN A 160 -0.55 -15.35 27.66
CA ASN A 160 -0.87 -13.99 28.11
C ASN A 160 -0.55 -12.91 27.06
N TYR A 161 0.39 -13.22 26.15
CA TYR A 161 0.74 -12.26 25.10
C TYR A 161 -0.40 -12.28 24.10
N LEU A 162 -0.98 -13.45 23.87
CA LEU A 162 -2.10 -13.62 22.93
C LEU A 162 -3.37 -12.88 23.40
N ARG A 163 -3.60 -12.93 24.69
CA ARG A 163 -4.76 -12.29 25.30
C ARG A 163 -4.58 -10.78 25.14
N ARG A 164 -3.32 -10.36 25.09
CA ARG A 164 -2.94 -8.94 24.95
C ARG A 164 -3.10 -8.44 23.53
N ILE A 165 -2.86 -9.28 22.53
CA ILE A 165 -3.02 -8.78 21.16
C ILE A 165 -4.46 -8.98 20.70
N ASN A 166 -5.21 -9.70 21.53
CA ASN A 166 -6.60 -9.91 21.24
C ASN A 166 -7.38 -8.62 21.57
N ARG A 167 -7.16 -8.08 22.77
CA ARG A 167 -7.83 -6.83 23.17
C ARG A 167 -7.27 -5.65 22.37
N LYS A 168 -5.95 -5.57 22.32
CA LYS A 168 -5.25 -4.51 21.62
C LYS A 168 -5.53 -4.36 20.12
N THR A 169 -5.69 -5.46 19.37
CA THR A 169 -5.88 -5.35 17.93
C THR A 169 -6.96 -6.20 17.27
N ALA A 170 -7.00 -7.48 17.61
CA ALA A 170 -7.96 -8.40 17.03
C ALA A 170 -9.44 -8.02 17.26
N LEU A 171 -9.71 -7.55 18.48
CA LEU A 171 -11.05 -7.16 18.91
C LEU A 171 -11.77 -6.16 18.04
N LEU A 172 -11.08 -5.21 17.44
CA LEU A 172 -11.73 -4.23 16.60
C LEU A 172 -11.86 -4.72 15.15
N ILE A 173 -11.13 -5.79 14.81
CA ILE A 173 -11.22 -6.35 13.46
C ILE A 173 -12.43 -7.28 13.53
N GLN A 174 -12.57 -7.89 14.70
CA GLN A 174 -13.65 -8.80 15.00
C GLN A 174 -14.98 -8.03 14.95
N ILE A 175 -14.99 -6.84 15.56
CA ILE A 175 -16.19 -5.97 15.54
C ILE A 175 -16.50 -5.49 14.11
N SER A 176 -15.45 -5.24 13.32
CA SER A 176 -15.64 -4.78 11.95
C SER A 176 -16.31 -5.86 11.10
N THR A 177 -15.97 -7.10 11.33
CA THR A 177 -16.57 -8.15 10.53
C THR A 177 -17.94 -8.57 11.06
N GLU A 178 -18.12 -8.55 12.38
CA GLU A 178 -19.38 -8.94 13.03
C GLU A 178 -20.53 -7.97 12.76
N VAL A 179 -20.29 -6.71 13.12
CA VAL A 179 -21.23 -5.62 12.93
C VAL A 179 -21.53 -5.44 11.43
N GLY A 180 -20.51 -5.53 10.61
CA GLY A 180 -20.73 -5.35 9.20
C GLY A 180 -21.76 -6.32 8.64
N ALA A 181 -21.80 -7.52 9.21
CA ALA A 181 -22.76 -8.52 8.77
C ALA A 181 -24.11 -8.23 9.42
N ILE A 182 -24.07 -7.83 10.69
CA ILE A 182 -25.28 -7.53 11.43
C ILE A 182 -25.97 -6.31 10.88
N THR A 183 -25.25 -5.50 10.10
CA THR A 183 -25.91 -4.32 9.52
C THR A 183 -26.79 -4.66 8.31
N SER A 184 -26.39 -5.68 7.54
CA SER A 184 -27.14 -6.09 6.34
C SER A 184 -28.01 -7.31 6.63
N GLN A 185 -28.36 -7.47 7.90
CA GLN A 185 -29.19 -8.56 8.35
C GLN A 185 -28.75 -9.95 7.86
N SER A 186 -27.57 -10.38 8.31
CA SER A 186 -27.09 -11.71 7.96
C SER A 186 -27.65 -12.61 9.07
N ASP A 187 -27.45 -13.93 8.98
CA ASP A 187 -27.99 -14.82 10.02
C ASP A 187 -26.98 -15.37 10.99
N LYS A 188 -27.47 -15.69 12.19
CA LYS A 188 -26.65 -16.21 13.26
C LYS A 188 -25.34 -16.85 12.82
N GLU A 189 -25.40 -17.81 11.90
CA GLU A 189 -24.20 -18.52 11.42
C GLU A 189 -23.22 -17.69 10.64
N THR A 190 -23.69 -17.02 9.60
CA THR A 190 -22.84 -16.18 8.80
C THR A 190 -22.16 -15.12 9.65
N VAL A 191 -22.90 -14.56 10.61
CA VAL A 191 -22.36 -13.56 11.52
C VAL A 191 -21.32 -14.21 12.41
N ARG A 192 -21.70 -15.31 13.04
CA ARG A 192 -20.78 -16.03 13.91
C ARG A 192 -19.56 -16.39 13.09
N LYS A 193 -19.78 -16.70 11.82
CA LYS A 193 -18.70 -17.05 10.91
C LYS A 193 -17.77 -15.85 10.70
N LEU A 194 -18.36 -14.70 10.40
CA LEU A 194 -17.56 -13.51 10.17
C LEU A 194 -16.95 -12.96 11.45
N LYS A 195 -17.63 -13.14 12.58
CA LYS A 195 -17.04 -12.70 13.83
C LYS A 195 -15.71 -13.48 13.99
N MET A 196 -15.75 -14.80 13.83
CA MET A 196 -14.55 -15.63 13.93
C MET A 196 -13.48 -15.37 12.85
N ILE A 197 -13.90 -15.20 11.58
CA ILE A 197 -12.96 -14.92 10.49
C ILE A 197 -12.17 -13.65 10.83
N GLY A 198 -12.91 -12.60 11.18
CA GLY A 198 -12.29 -11.34 11.54
C GLY A 198 -11.36 -11.45 12.74
N HIS A 199 -11.78 -12.17 13.77
CA HIS A 199 -10.93 -12.33 14.93
C HIS A 199 -9.61 -13.00 14.58
N TYR A 200 -9.63 -14.04 13.75
CA TYR A 200 -8.39 -14.74 13.33
C TYR A 200 -7.48 -13.84 12.47
N ILE A 201 -8.07 -13.04 11.58
CA ILE A 201 -7.28 -12.15 10.75
C ILE A 201 -6.58 -11.15 11.66
N GLY A 202 -7.31 -10.63 12.64
CA GLY A 202 -6.77 -9.68 13.59
C GLY A 202 -5.61 -10.21 14.41
N MET A 203 -5.68 -11.48 14.84
CA MET A 203 -4.59 -12.07 15.61
C MET A 203 -3.36 -12.20 14.72
N SER A 204 -3.57 -12.69 13.52
CA SER A 204 -2.48 -12.83 12.56
C SER A 204 -1.86 -11.46 12.23
N PHE A 205 -2.75 -10.48 12.06
CA PHE A 205 -2.38 -9.12 11.75
C PHE A 205 -1.28 -8.65 12.69
N GLN A 206 -1.63 -8.59 13.98
CA GLN A 206 -0.71 -8.14 15.03
C GLN A 206 0.57 -8.96 15.14
N ILE A 207 0.45 -10.28 15.01
CA ILE A 207 1.63 -11.10 15.11
C ILE A 207 2.61 -10.67 14.02
N ILE A 208 2.07 -10.30 12.87
CA ILE A 208 2.93 -9.87 11.79
C ILE A 208 3.64 -8.57 12.13
N ASP A 209 2.92 -7.59 12.67
CA ASP A 209 3.56 -6.34 13.09
C ASP A 209 4.81 -6.64 13.96
N ASP A 210 4.63 -7.48 14.97
CA ASP A 210 5.70 -7.81 15.90
C ASP A 210 6.86 -8.46 15.23
N VAL A 211 6.59 -9.24 14.21
CA VAL A 211 7.70 -9.86 13.53
C VAL A 211 8.40 -8.77 12.72
N LEU A 212 7.63 -7.93 12.03
CA LEU A 212 8.21 -6.86 11.21
C LEU A 212 8.92 -5.76 11.99
N ASP A 213 8.97 -5.90 13.30
CA ASP A 213 9.63 -4.87 14.07
C ASP A 213 11.11 -5.22 14.20
N PHE A 214 11.45 -6.45 13.81
CA PHE A 214 12.83 -6.93 13.87
C PHE A 214 13.39 -7.18 12.47
N THR A 215 12.52 -7.58 11.55
CA THR A 215 12.90 -7.91 10.19
C THR A 215 12.81 -6.79 9.12
N SER A 216 12.11 -5.70 9.43
CA SER A 216 11.92 -4.59 8.48
C SER A 216 13.08 -3.57 8.41
N THR A 217 12.76 -2.30 8.25
CA THR A 217 13.81 -1.28 8.13
C THR A 217 13.51 0.02 8.86
N GLU A 218 14.57 0.67 9.37
CA GLU A 218 14.43 1.94 10.08
C GLU A 218 13.62 2.88 9.19
N LYS A 219 13.84 2.76 7.88
CA LYS A 219 13.16 3.59 6.91
C LYS A 219 11.71 3.19 6.62
N LYS A 220 11.48 1.93 6.28
CA LYS A 220 10.12 1.48 6.00
C LYS A 220 9.22 1.41 7.26
N LEU A 221 9.86 1.32 8.43
CA LEU A 221 9.10 1.28 9.69
C LEU A 221 8.81 2.67 10.25
N GLY A 222 9.50 3.68 9.73
CA GLY A 222 9.28 5.04 10.23
C GLY A 222 9.49 4.99 11.73
N LYS A 223 10.53 4.28 12.13
CA LYS A 223 10.91 4.09 13.53
C LYS A 223 12.13 3.20 13.51
N PRO A 224 12.89 3.15 14.63
CA PRO A 224 14.11 2.33 14.72
C PRO A 224 13.99 0.91 14.20
N VAL A 225 13.86 0.00 15.14
CA VAL A 225 13.79 -1.42 14.89
C VAL A 225 14.06 -1.90 16.32
N GLY A 226 13.39 -2.97 16.73
CA GLY A 226 13.55 -3.42 18.10
C GLY A 226 12.74 -2.42 18.89
N SER A 227 12.23 -1.44 18.16
CA SER A 227 11.41 -0.38 18.72
C SER A 227 10.53 -0.87 19.88
N ASP A 228 9.76 -1.93 19.64
CA ASP A 228 8.89 -2.51 20.66
C ASP A 228 9.64 -3.01 21.89
N LEU A 229 10.88 -3.43 21.68
CA LEU A 229 11.67 -3.95 22.78
C LEU A 229 12.31 -2.77 23.51
N LEU A 230 12.61 -1.72 22.77
CA LEU A 230 13.22 -0.53 23.36
C LEU A 230 12.22 0.10 24.30
N ASN A 231 10.94 -0.21 24.09
CA ASN A 231 9.88 0.32 24.95
C ASN A 231 9.43 -0.74 25.94
N GLY A 232 10.16 -1.85 26.00
CA GLY A 232 9.81 -2.90 26.92
C GLY A 232 8.78 -3.93 26.53
N HIS A 233 8.14 -3.80 25.35
CA HIS A 233 7.12 -4.75 24.87
C HIS A 233 7.72 -6.07 24.45
N ILE A 234 7.48 -7.10 25.25
CA ILE A 234 7.96 -8.45 25.00
C ILE A 234 6.94 -9.18 24.12
N THR A 235 7.18 -9.19 22.81
CA THR A 235 6.26 -9.78 21.86
C THR A 235 6.59 -11.21 21.47
N LEU A 236 5.67 -11.86 20.76
CA LEU A 236 5.83 -13.26 20.39
C LEU A 236 7.25 -13.71 20.00
N PRO A 237 7.90 -13.02 19.04
CA PRO A 237 9.26 -13.46 18.69
C PRO A 237 10.13 -13.64 19.93
N ILE A 238 10.14 -12.60 20.77
CA ILE A 238 10.94 -12.59 21.98
C ILE A 238 10.54 -13.60 23.05
N LEU A 239 9.29 -14.03 23.07
CA LEU A 239 8.82 -15.01 24.05
C LEU A 239 9.30 -16.40 23.61
N LEU A 240 9.34 -16.59 22.29
CA LEU A 240 9.77 -17.85 21.72
C LEU A 240 11.24 -18.08 21.92
N GLU A 241 12.05 -17.08 21.64
CA GLU A 241 13.48 -17.25 21.81
C GLU A 241 13.80 -17.45 23.28
N MET A 242 12.95 -16.98 24.19
CA MET A 242 13.24 -17.16 25.61
C MET A 242 13.08 -18.62 26.05
N ARG A 243 11.91 -19.22 25.80
CA ARG A 243 11.66 -20.60 26.19
C ARG A 243 12.74 -21.58 25.74
N LYS A 244 13.42 -21.29 24.63
CA LYS A 244 14.44 -22.22 24.19
C LYS A 244 15.88 -21.72 24.31
N ASN A 245 16.08 -20.58 24.96
CA ASN A 245 17.41 -20.02 25.11
C ASN A 245 17.59 -19.38 26.49
N PRO A 246 17.89 -20.20 27.50
CA PRO A 246 18.09 -19.73 28.87
C PRO A 246 19.10 -18.59 29.08
N ASP A 247 19.96 -18.35 28.09
CA ASP A 247 20.92 -17.25 28.22
C ASP A 247 20.18 -15.94 27.90
N PHE A 248 19.44 -15.99 26.78
CA PHE A 248 18.66 -14.85 26.32
C PHE A 248 17.58 -14.53 27.36
N LYS A 249 17.06 -15.57 28.02
CA LYS A 249 16.03 -15.33 29.02
C LYS A 249 16.58 -14.46 30.17
N LEU A 250 17.79 -14.75 30.61
CA LEU A 250 18.39 -13.98 31.68
C LEU A 250 18.80 -12.64 31.10
N LYS A 251 19.09 -12.64 29.80
CA LYS A 251 19.49 -11.42 29.14
C LYS A 251 18.32 -10.46 29.03
N ILE A 252 17.11 -11.03 29.10
CA ILE A 252 15.88 -10.24 29.03
C ILE A 252 15.40 -9.87 30.43
N GLU A 253 15.64 -10.75 31.40
CA GLU A 253 15.27 -10.49 32.78
C GLU A 253 15.94 -9.22 33.30
N GLN A 254 17.13 -8.92 32.80
CA GLN A 254 17.88 -7.75 33.28
C GLN A 254 17.63 -6.51 32.44
N LEU A 255 16.72 -6.59 31.49
CA LEU A 255 16.48 -5.46 30.58
C LEU A 255 15.41 -4.45 30.95
N ARG A 256 15.77 -3.17 30.92
CA ARG A 256 14.84 -2.06 31.20
C ARG A 256 15.27 -0.76 30.56
N ARG A 257 14.34 0.18 30.50
CA ARG A 257 14.59 1.46 29.88
C ARG A 257 16.00 2.04 30.04
N ASP A 258 16.49 2.14 31.27
CA ASP A 258 17.81 2.71 31.48
C ASP A 258 18.97 1.80 31.06
N SER A 259 18.69 0.72 30.33
CA SER A 259 19.77 -0.15 29.89
C SER A 259 20.46 0.54 28.72
N GLU A 260 21.74 0.26 28.53
CA GLU A 260 22.49 0.90 27.46
C GLU A 260 22.10 0.34 26.09
N ARG A 261 21.91 1.26 25.13
CA ARG A 261 21.49 0.91 23.79
C ARG A 261 22.13 -0.34 23.18
N LYS A 262 23.31 -0.73 23.68
CA LYS A 262 23.99 -1.90 23.13
C LYS A 262 23.47 -3.23 23.65
N GLU A 263 22.88 -3.24 24.85
CA GLU A 263 22.35 -4.48 25.37
C GLU A 263 21.09 -4.74 24.53
N PHE A 264 20.43 -3.65 24.17
CA PHE A 264 19.25 -3.71 23.34
C PHE A 264 19.65 -4.19 21.94
N GLU A 265 20.57 -3.46 21.31
CA GLU A 265 21.04 -3.84 19.99
C GLU A 265 21.37 -5.32 20.00
N GLU A 266 22.11 -5.76 21.00
CA GLU A 266 22.50 -7.16 21.13
C GLU A 266 21.28 -8.07 21.08
N CYS A 267 20.26 -7.71 21.86
CA CYS A 267 19.01 -8.48 21.92
C CYS A 267 18.26 -8.50 20.60
N ILE A 268 17.98 -7.34 20.04
CA ILE A 268 17.26 -7.30 18.78
C ILE A 268 18.09 -7.95 17.66
N GLN A 269 19.41 -8.01 17.84
CA GLN A 269 20.29 -8.62 16.84
C GLN A 269 20.29 -10.14 16.94
N ILE A 270 19.95 -10.65 18.12
CA ILE A 270 19.90 -12.09 18.34
C ILE A 270 18.60 -12.68 17.80
N ILE A 271 17.51 -11.94 17.94
CA ILE A 271 16.22 -12.40 17.47
C ILE A 271 16.21 -12.65 15.95
N ARG A 272 16.91 -11.80 15.21
CA ARG A 272 16.96 -11.91 13.76
C ARG A 272 17.59 -13.17 13.18
N LYS A 273 18.78 -13.55 13.62
CA LYS A 273 19.39 -14.76 13.07
C LYS A 273 18.77 -15.98 13.73
N SER A 274 17.61 -15.77 14.34
CA SER A 274 16.89 -16.80 15.06
C SER A 274 15.81 -17.51 14.25
N ASP A 275 15.37 -18.66 14.78
CA ASP A 275 14.32 -19.45 14.17
C ASP A 275 12.98 -18.91 14.69
N SER A 276 13.07 -18.19 15.80
CA SER A 276 11.93 -17.61 16.47
C SER A 276 11.17 -16.61 15.62
N ILE A 277 11.87 -15.93 14.72
CA ILE A 277 11.21 -14.99 13.87
C ILE A 277 10.33 -15.80 12.94
N ASP A 278 10.75 -17.03 12.69
CA ASP A 278 9.98 -17.89 11.80
C ASP A 278 8.90 -18.67 12.53
N GLU A 279 9.16 -19.03 13.77
CA GLU A 279 8.16 -19.76 14.54
C GLU A 279 7.01 -18.76 14.75
N ALA A 280 7.35 -17.48 14.93
CA ALA A 280 6.35 -16.42 15.13
C ALA A 280 5.49 -16.31 13.88
N LYS A 281 6.16 -16.11 12.74
CA LYS A 281 5.51 -16.01 11.45
C LYS A 281 4.58 -17.20 11.26
N ALA A 282 5.00 -18.36 11.76
CA ALA A 282 4.23 -19.60 11.64
C ALA A 282 2.88 -19.56 12.35
N VAL A 283 2.88 -18.91 13.50
CA VAL A 283 1.66 -18.78 14.28
C VAL A 283 0.71 -17.86 13.53
N SER A 284 1.28 -16.88 12.85
CA SER A 284 0.49 -15.96 12.08
C SER A 284 -0.20 -16.83 11.04
N SER A 285 0.59 -17.63 10.35
CA SER A 285 0.10 -18.52 9.31
C SER A 285 -0.97 -19.50 9.73
N LYS A 286 -0.76 -20.18 10.84
CA LYS A 286 -1.77 -21.11 11.27
C LYS A 286 -3.07 -20.32 11.48
N TYR A 287 -2.94 -19.12 12.06
CA TYR A 287 -4.08 -18.23 12.31
C TYR A 287 -4.81 -17.86 11.04
N LEU A 288 -4.05 -17.57 9.99
CA LEU A 288 -4.61 -17.23 8.68
C LEU A 288 -5.40 -18.39 8.04
N SER A 289 -4.92 -19.62 8.21
CA SER A 289 -5.60 -20.80 7.69
C SER A 289 -6.90 -20.95 8.45
N LYS A 290 -6.86 -20.80 9.76
CA LYS A 290 -8.09 -20.92 10.50
C LYS A 290 -9.11 -19.96 9.88
N ALA A 291 -8.62 -18.85 9.33
CA ALA A 291 -9.55 -17.88 8.75
C ALA A 291 -9.98 -18.29 7.35
N LEU A 292 -9.03 -18.78 6.55
CA LEU A 292 -9.32 -19.22 5.18
C LEU A 292 -10.26 -20.42 5.15
N ASN A 293 -10.16 -21.29 6.15
CA ASN A 293 -11.03 -22.45 6.21
C ASN A 293 -12.48 -21.97 6.32
N LEU A 294 -12.72 -21.06 7.25
CA LEU A 294 -14.05 -20.51 7.47
C LEU A 294 -14.56 -19.64 6.32
N ILE A 295 -13.65 -19.07 5.54
CA ILE A 295 -14.09 -18.19 4.47
C ILE A 295 -14.67 -19.07 3.39
N SER A 296 -14.10 -20.27 3.30
CA SER A 296 -14.51 -21.23 2.31
C SER A 296 -15.91 -21.71 2.61
N GLU A 297 -16.19 -21.95 3.87
CA GLU A 297 -17.51 -22.39 4.26
C GLU A 297 -18.60 -21.33 4.00
N LEU A 298 -18.26 -20.26 3.29
CA LEU A 298 -19.22 -19.20 2.97
C LEU A 298 -19.66 -19.29 1.49
N PRO A 299 -20.87 -18.81 1.16
CA PRO A 299 -21.40 -18.83 -0.21
C PRO A 299 -20.49 -18.22 -1.29
N ASP A 300 -20.35 -18.95 -2.40
CA ASP A 300 -19.52 -18.52 -3.53
C ASP A 300 -20.09 -17.30 -4.21
N GLY A 301 -19.20 -16.43 -4.66
CA GLY A 301 -19.60 -15.20 -5.32
C GLY A 301 -18.44 -14.25 -5.29
N HIS A 302 -18.62 -13.00 -5.75
CA HIS A 302 -17.51 -12.06 -5.77
C HIS A 302 -17.06 -11.70 -4.35
N PRO A 303 -18.01 -11.42 -3.45
CA PRO A 303 -17.56 -11.09 -2.11
C PRO A 303 -16.60 -12.16 -1.56
N LYS A 304 -17.05 -13.40 -1.55
CA LYS A 304 -16.21 -14.49 -1.06
C LYS A 304 -14.85 -14.50 -1.76
N SER A 305 -14.78 -14.02 -3.00
CA SER A 305 -13.51 -13.97 -3.73
C SER A 305 -12.64 -12.81 -3.24
N LEU A 306 -13.29 -11.74 -2.79
CA LEU A 306 -12.59 -10.55 -2.32
C LEU A 306 -12.03 -10.75 -0.94
N LEU A 307 -12.82 -11.39 -0.09
CA LEU A 307 -12.36 -11.67 1.27
C LEU A 307 -11.18 -12.64 1.17
N LEU A 308 -11.32 -13.69 0.35
CA LEU A 308 -10.24 -14.68 0.16
C LEU A 308 -8.97 -13.97 -0.32
N SER A 309 -9.13 -13.09 -1.29
CA SER A 309 -8.02 -12.30 -1.81
C SER A 309 -7.42 -11.39 -0.73
N LEU A 310 -8.25 -10.61 -0.06
CA LEU A 310 -7.78 -9.72 0.98
C LEU A 310 -7.15 -10.49 2.14
N THR A 311 -7.76 -11.60 2.54
CA THR A 311 -7.20 -12.39 3.62
C THR A 311 -5.86 -13.02 3.24
N LYS A 312 -5.57 -13.07 1.94
CA LYS A 312 -4.33 -13.68 1.48
C LYS A 312 -3.18 -12.73 1.33
N LYS A 313 -3.49 -11.44 1.30
CA LYS A 313 -2.43 -10.44 1.23
C LYS A 313 -2.09 -10.21 2.70
N MET A 314 -3.11 -9.95 3.52
CA MET A 314 -2.94 -9.72 4.95
C MET A 314 -1.74 -10.49 5.52
N GLY A 315 -1.64 -11.76 5.16
CA GLY A 315 -0.57 -12.59 5.66
C GLY A 315 0.69 -12.54 4.84
N SER A 316 0.54 -12.58 3.52
CA SER A 316 1.70 -12.52 2.63
C SER A 316 2.06 -11.04 2.45
N ARG A 317 2.20 -10.35 3.58
CA ARG A 317 2.51 -8.92 3.61
C ARG A 317 3.83 -8.71 4.31
N ASN A 318 4.32 -7.47 4.25
CA ASN A 318 5.57 -7.11 4.89
C ASN A 318 5.76 -5.59 5.03
N THR A 319 4.71 -4.90 5.43
CA THR A 319 4.77 -3.45 5.64
C THR A 319 3.38 -2.87 5.96
N ALA B 2 23.20 -17.37 -51.26
CA ALA B 2 22.09 -16.35 -51.15
C ALA B 2 20.84 -16.95 -50.53
N LYS B 3 20.90 -18.24 -50.21
CA LYS B 3 19.78 -18.92 -49.56
C LYS B 3 19.98 -18.51 -48.12
N LEU B 4 19.03 -17.72 -47.63
CA LEU B 4 19.01 -17.24 -46.27
C LEU B 4 19.37 -18.38 -45.32
N ASN B 5 20.40 -18.15 -44.50
CA ASN B 5 20.80 -19.11 -43.49
C ASN B 5 20.43 -18.43 -42.18
N MET B 6 19.65 -19.12 -41.36
CA MET B 6 19.20 -18.56 -40.10
C MET B 6 20.41 -18.35 -39.20
N ASN B 7 21.14 -19.42 -38.96
CA ASN B 7 22.33 -19.36 -38.12
C ASN B 7 23.16 -18.13 -38.46
N ASN B 8 23.46 -17.98 -39.74
CA ASN B 8 24.24 -16.86 -40.20
C ASN B 8 23.51 -15.57 -39.91
N GLU B 9 22.19 -15.55 -40.08
CA GLU B 9 21.44 -14.32 -39.83
C GLU B 9 21.47 -13.92 -38.37
N ILE B 10 21.34 -14.90 -37.48
CA ILE B 10 21.36 -14.63 -36.04
C ILE B 10 22.70 -14.07 -35.58
N LYS B 11 23.80 -14.49 -36.20
CA LYS B 11 25.12 -13.98 -35.82
C LYS B 11 25.25 -12.50 -36.18
N LYS B 12 24.68 -12.12 -37.32
CA LYS B 12 24.76 -10.76 -37.74
C LYS B 12 23.99 -9.91 -36.75
N VAL B 13 22.88 -10.42 -36.24
CA VAL B 13 22.13 -9.64 -35.27
C VAL B 13 22.84 -9.64 -33.92
N GLU B 14 23.51 -10.72 -33.59
CA GLU B 14 24.23 -10.85 -32.33
C GLU B 14 25.46 -9.95 -32.24
N GLN B 15 26.09 -9.69 -33.38
CA GLN B 15 27.27 -8.84 -33.46
C GLN B 15 26.90 -7.39 -33.38
N ARG B 16 25.70 -7.08 -33.85
CA ARG B 16 25.13 -5.75 -33.83
C ARG B 16 24.65 -5.49 -32.40
N LEU B 17 24.29 -6.56 -31.69
CA LEU B 17 23.87 -6.42 -30.30
C LEU B 17 25.08 -6.19 -29.43
N GLU B 18 26.19 -6.87 -29.75
CA GLU B 18 27.41 -6.69 -28.99
C GLU B 18 27.95 -5.26 -29.10
N LYS B 19 27.81 -4.63 -30.27
CA LYS B 19 28.29 -3.26 -30.35
C LYS B 19 27.34 -2.34 -29.57
N ALA B 20 26.04 -2.48 -29.82
CA ALA B 20 25.02 -1.67 -29.17
C ALA B 20 25.10 -1.64 -27.66
N ILE B 21 25.70 -2.66 -27.08
CA ILE B 21 25.77 -2.77 -25.66
C ILE B 21 26.95 -2.03 -24.99
N LYS B 22 27.92 -1.64 -25.80
CA LYS B 22 29.08 -0.94 -25.29
C LYS B 22 28.65 0.37 -24.65
N SER B 23 29.21 0.70 -23.48
CA SER B 23 28.80 1.93 -22.82
C SER B 23 29.94 2.78 -22.22
N LYS B 24 29.66 4.05 -22.03
CA LYS B 24 30.61 4.94 -21.42
C LYS B 24 30.76 4.49 -19.96
N ASP B 25 29.74 3.80 -19.42
CA ASP B 25 29.85 3.27 -18.05
C ASP B 25 30.17 1.78 -18.14
N SER B 26 31.28 1.43 -17.54
CA SER B 26 31.82 0.10 -17.53
C SER B 26 30.90 -1.02 -17.03
N VAL B 27 30.33 -0.86 -15.84
CA VAL B 27 29.44 -1.90 -15.31
C VAL B 27 28.25 -2.17 -16.20
N LEU B 28 27.58 -1.14 -16.70
CA LEU B 28 26.44 -1.35 -17.57
C LEU B 28 26.87 -2.18 -18.76
N GLU B 29 28.13 -2.03 -19.19
CA GLU B 29 28.65 -2.81 -20.31
C GLU B 29 28.88 -4.29 -19.95
N GLN B 30 29.46 -4.52 -18.79
CA GLN B 30 29.70 -5.88 -18.33
C GLN B 30 28.40 -6.59 -18.01
N ALA B 31 27.44 -5.89 -17.40
CA ALA B 31 26.15 -6.50 -17.08
C ALA B 31 25.42 -6.91 -18.35
N SER B 32 25.24 -5.97 -19.27
CA SER B 32 24.57 -6.26 -20.52
C SER B 32 25.21 -7.45 -21.24
N LEU B 33 26.55 -7.46 -21.29
CA LEU B 33 27.29 -8.53 -21.93
C LEU B 33 27.17 -9.86 -21.15
N HIS B 34 27.17 -9.76 -19.83
CA HIS B 34 27.01 -10.95 -19.01
C HIS B 34 25.73 -11.65 -19.46
N LEU B 35 24.61 -10.91 -19.48
CA LEU B 35 23.30 -11.42 -19.88
C LEU B 35 23.28 -11.85 -21.34
N LEU B 36 23.75 -10.98 -22.22
CA LEU B 36 23.75 -11.28 -23.64
C LEU B 36 24.46 -12.60 -24.01
N SER B 37 25.63 -12.82 -23.43
CA SER B 37 26.46 -14.00 -23.68
C SER B 37 26.13 -15.27 -22.89
N SER B 38 25.36 -15.17 -21.81
CA SER B 38 25.01 -16.37 -21.08
C SER B 38 23.97 -17.03 -21.97
N GLY B 39 23.57 -16.25 -22.96
CA GLY B 39 22.65 -16.60 -24.03
C GLY B 39 21.31 -17.33 -23.98
N GLY B 40 20.39 -16.77 -24.77
CA GLY B 40 19.06 -17.34 -24.92
C GLY B 40 18.86 -17.65 -26.40
N LYS B 41 17.67 -18.05 -26.81
CA LYS B 41 17.42 -18.45 -28.19
C LYS B 41 17.17 -17.40 -29.26
N ARG B 42 17.20 -16.14 -28.90
CA ARG B 42 17.03 -15.10 -29.88
C ARG B 42 15.85 -15.34 -30.84
N VAL B 43 14.72 -15.82 -30.30
CA VAL B 43 13.57 -16.07 -31.15
C VAL B 43 13.00 -14.79 -31.79
N ARG B 44 12.79 -13.73 -31.00
CA ARG B 44 12.25 -12.47 -31.50
C ARG B 44 13.07 -11.97 -32.72
N PRO B 45 14.41 -11.84 -32.59
CA PRO B 45 15.18 -11.39 -33.76
C PRO B 45 14.94 -12.33 -34.94
N ALA B 46 14.81 -13.63 -34.63
CA ALA B 46 14.60 -14.64 -35.65
C ALA B 46 13.32 -14.40 -36.41
N PHE B 47 12.21 -14.21 -35.71
CA PHE B 47 10.96 -13.96 -36.39
C PHE B 47 10.98 -12.66 -37.20
N VAL B 48 11.76 -11.68 -36.77
CA VAL B 48 11.83 -10.42 -37.50
C VAL B 48 12.52 -10.65 -38.86
N ILE B 49 13.70 -11.27 -38.85
CA ILE B 49 14.41 -11.56 -40.09
C ILE B 49 13.42 -12.34 -41.00
N LEU B 50 13.01 -13.55 -40.59
CA LEU B 50 12.08 -14.39 -41.35
C LEU B 50 10.83 -13.68 -41.84
N SER B 51 10.16 -12.91 -40.98
CA SER B 51 8.96 -12.18 -41.37
C SER B 51 9.22 -11.18 -42.50
N SER B 52 10.47 -10.82 -42.73
CA SER B 52 10.73 -9.84 -43.77
C SER B 52 10.97 -10.42 -45.15
N GLN B 53 11.17 -11.74 -45.26
CA GLN B 53 11.41 -12.36 -46.57
C GLN B 53 10.20 -12.39 -47.54
N PHE B 54 9.00 -12.06 -47.04
CA PHE B 54 7.81 -12.06 -47.90
C PHE B 54 7.44 -10.63 -48.31
N GLY B 55 8.46 -9.78 -48.32
CA GLY B 55 8.25 -8.40 -48.68
C GLY B 55 8.84 -8.13 -50.04
N LYS B 56 9.53 -7.02 -50.17
CA LYS B 56 10.10 -6.74 -51.45
C LYS B 56 11.60 -6.52 -51.42
N ASP B 57 12.29 -7.15 -50.48
CA ASP B 57 13.75 -7.01 -50.43
C ASP B 57 14.31 -8.41 -50.76
N GLU B 58 15.16 -8.48 -51.78
CA GLU B 58 15.71 -9.78 -52.18
C GLU B 58 16.75 -10.34 -51.20
N GLN B 59 17.07 -9.50 -50.21
CA GLN B 59 18.03 -9.83 -49.16
C GLN B 59 17.61 -9.00 -47.94
N THR B 60 18.01 -9.44 -46.76
CA THR B 60 17.66 -8.73 -45.54
C THR B 60 18.33 -7.36 -45.49
N SER B 61 17.55 -6.30 -45.31
CA SER B 61 18.11 -4.95 -45.24
C SER B 61 18.65 -4.58 -43.85
N GLU B 62 19.43 -3.51 -43.79
CA GLU B 62 19.96 -3.07 -42.51
C GLU B 62 18.81 -2.65 -41.61
N GLN B 63 17.79 -2.05 -42.20
CA GLN B 63 16.64 -1.61 -41.43
C GLN B 63 15.97 -2.76 -40.69
N THR B 64 15.99 -3.96 -41.27
CA THR B 64 15.36 -5.09 -40.61
C THR B 64 16.28 -5.66 -39.54
N TYR B 65 17.59 -5.56 -39.74
CA TYR B 65 18.53 -6.05 -38.73
C TYR B 65 18.45 -5.12 -37.54
N GLN B 66 18.13 -3.85 -37.79
CA GLN B 66 18.05 -2.90 -36.70
C GLN B 66 16.79 -3.13 -35.86
N VAL B 67 15.70 -3.55 -36.49
CA VAL B 67 14.51 -3.80 -35.70
C VAL B 67 14.73 -5.07 -34.88
N ALA B 68 15.49 -5.99 -35.46
CA ALA B 68 15.84 -7.24 -34.77
C ALA B 68 16.67 -6.95 -33.51
N VAL B 69 17.68 -6.09 -33.64
CA VAL B 69 18.53 -5.68 -32.54
C VAL B 69 17.67 -4.98 -31.49
N ALA B 70 16.76 -4.12 -31.92
CA ALA B 70 15.88 -3.42 -30.99
C ALA B 70 14.99 -4.39 -30.20
N LEU B 71 14.38 -5.34 -30.89
CA LEU B 71 13.51 -6.29 -30.21
C LEU B 71 14.22 -7.09 -29.13
N GLU B 72 15.43 -7.56 -29.40
CA GLU B 72 16.16 -8.35 -28.43
C GLU B 72 16.57 -7.48 -27.25
N LEU B 73 16.86 -6.21 -27.49
CA LEU B 73 17.26 -5.32 -26.40
C LEU B 73 16.08 -5.03 -25.45
N ILE B 74 14.86 -4.86 -26.01
CA ILE B 74 13.66 -4.61 -25.21
C ILE B 74 13.34 -5.90 -24.43
N HIS B 75 13.46 -7.04 -25.10
CA HIS B 75 13.26 -8.34 -24.47
C HIS B 75 14.17 -8.48 -23.23
N MET B 76 15.46 -8.18 -23.44
CA MET B 76 16.48 -8.21 -22.40
C MET B 76 16.18 -7.25 -21.26
N ALA B 77 15.76 -6.04 -21.58
CA ALA B 77 15.46 -5.11 -20.50
C ALA B 77 14.40 -5.77 -19.62
N THR B 78 13.40 -6.38 -20.25
CA THR B 78 12.36 -7.06 -19.52
C THR B 78 12.94 -8.15 -18.63
N LEU B 79 13.79 -9.02 -19.20
CA LEU B 79 14.41 -10.07 -18.36
C LEU B 79 15.14 -9.47 -17.15
N VAL B 80 16.02 -8.50 -17.38
CA VAL B 80 16.72 -7.93 -16.26
C VAL B 80 15.80 -7.39 -15.16
N HIS B 81 14.84 -6.53 -15.51
CA HIS B 81 13.96 -6.02 -14.50
C HIS B 81 13.15 -7.17 -13.95
N ASP B 82 12.86 -8.14 -14.79
CA ASP B 82 12.08 -9.24 -14.27
C ASP B 82 12.78 -9.99 -13.14
N ASP B 83 14.08 -10.26 -13.26
CA ASP B 83 14.78 -10.97 -12.18
C ASP B 83 14.93 -10.14 -10.88
N VAL B 84 14.75 -8.82 -10.94
CA VAL B 84 14.83 -7.97 -9.76
C VAL B 84 13.50 -8.11 -9.02
N ILE B 85 12.41 -8.20 -9.76
CA ILE B 85 11.12 -8.33 -9.13
C ILE B 85 10.90 -9.70 -8.48
N ASP B 86 11.33 -10.77 -9.14
CA ASP B 86 11.13 -12.14 -8.62
C ASP B 86 12.21 -12.64 -7.67
N LYS B 87 13.07 -11.75 -7.20
CA LYS B 87 14.14 -12.18 -6.31
C LYS B 87 14.82 -13.42 -6.93
N SER B 88 14.69 -13.57 -8.24
CA SER B 88 15.28 -14.71 -8.93
C SER B 88 16.76 -14.83 -8.64
N ASP B 89 17.28 -16.03 -8.84
CA ASP B 89 18.69 -16.34 -8.57
C ASP B 89 19.58 -16.44 -9.81
N LYS B 90 19.15 -17.28 -10.75
CA LYS B 90 19.92 -17.52 -11.94
C LYS B 90 19.12 -17.25 -13.22
N ARG B 91 19.80 -16.72 -14.23
CA ARG B 91 19.20 -16.41 -15.51
C ARG B 91 20.13 -17.00 -16.53
N ARG B 92 19.58 -17.77 -17.47
CA ARG B 92 20.39 -18.39 -18.51
C ARG B 92 21.57 -19.21 -17.96
N GLY B 93 21.48 -19.67 -16.72
CA GLY B 93 22.55 -20.47 -16.15
C GLY B 93 23.61 -19.74 -15.34
N LYS B 94 23.55 -18.41 -15.32
CA LYS B 94 24.51 -17.63 -14.56
C LYS B 94 23.72 -16.70 -13.65
N LEU B 95 24.42 -15.98 -12.78
CA LEU B 95 23.82 -15.05 -11.84
C LEU B 95 23.06 -13.91 -12.49
N THR B 96 21.90 -13.59 -11.95
CA THR B 96 21.13 -12.50 -12.49
C THR B 96 21.94 -11.26 -12.11
N ILE B 97 21.77 -10.16 -12.83
CA ILE B 97 22.55 -8.96 -12.55
C ILE B 97 22.38 -8.51 -11.11
N SER B 98 21.15 -8.43 -10.65
CA SER B 98 20.87 -8.03 -9.28
C SER B 98 21.70 -8.82 -8.27
N LYS B 99 22.10 -10.04 -8.60
CA LYS B 99 22.92 -10.84 -7.68
C LYS B 99 24.41 -10.78 -7.92
N LYS B 100 24.82 -10.51 -9.15
CA LYS B 100 26.23 -10.44 -9.49
C LYS B 100 26.77 -9.09 -9.06
N TRP B 101 25.89 -8.09 -9.03
CA TRP B 101 26.26 -6.74 -8.63
C TRP B 101 25.30 -6.33 -7.50
N ASP B 102 24.21 -5.66 -7.86
CA ASP B 102 23.22 -5.29 -6.89
C ASP B 102 21.92 -4.82 -7.54
N GLN B 103 20.94 -4.49 -6.72
CA GLN B 103 19.64 -4.07 -7.21
C GLN B 103 19.66 -2.77 -7.98
N THR B 104 20.46 -1.79 -7.55
CA THR B 104 20.52 -0.51 -8.26
C THR B 104 21.04 -0.75 -9.66
N THR B 105 22.08 -1.56 -9.75
CA THR B 105 22.69 -1.87 -11.03
C THR B 105 21.70 -2.45 -12.04
N ALA B 106 20.97 -3.49 -11.65
CA ALA B 106 19.99 -4.17 -12.50
C ALA B 106 18.91 -3.24 -13.00
N ILE B 107 18.42 -2.38 -12.13
CA ILE B 107 17.39 -1.47 -12.53
C ILE B 107 17.98 -0.54 -13.59
N LEU B 108 19.20 -0.08 -13.35
CA LEU B 108 19.87 0.83 -14.26
C LEU B 108 20.18 0.17 -15.59
N THR B 109 20.58 -1.11 -15.54
CA THR B 109 20.90 -1.84 -16.76
C THR B 109 19.64 -1.98 -17.62
N GLY B 110 18.51 -2.26 -16.97
CA GLY B 110 17.26 -2.38 -17.69
C GLY B 110 16.88 -1.10 -18.38
N ASN B 111 17.09 0.05 -17.73
CA ASN B 111 16.76 1.34 -18.34
C ASN B 111 17.63 1.55 -19.55
N PHE B 112 18.90 1.22 -19.36
CA PHE B 112 19.92 1.33 -20.40
C PHE B 112 19.48 0.55 -21.64
N LEU B 113 19.20 -0.74 -21.45
CA LEU B 113 18.82 -1.66 -22.52
C LEU B 113 17.60 -1.19 -23.26
N LEU B 114 16.68 -0.62 -22.51
CA LEU B 114 15.43 -0.12 -23.07
C LEU B 114 15.68 1.13 -23.88
N ALA B 115 16.48 2.05 -23.37
CA ALA B 115 16.76 3.29 -24.09
C ALA B 115 17.41 2.99 -25.45
N LEU B 116 18.32 2.02 -25.47
CA LEU B 116 19.01 1.63 -26.68
C LEU B 116 17.98 1.07 -27.67
N GLY B 117 17.01 0.32 -27.15
CA GLY B 117 15.97 -0.23 -28.01
C GLY B 117 15.25 0.89 -28.75
N LEU B 118 14.97 1.98 -28.03
CA LEU B 118 14.31 3.14 -28.65
C LEU B 118 15.20 3.79 -29.70
N GLU B 119 16.50 3.86 -29.41
CA GLU B 119 17.43 4.44 -30.36
C GLU B 119 17.36 3.62 -31.63
N HIS B 120 17.36 2.31 -31.49
CA HIS B 120 17.35 1.44 -32.65
C HIS B 120 16.05 1.35 -33.44
N LEU B 121 14.93 1.68 -32.82
CA LEU B 121 13.67 1.65 -33.54
C LEU B 121 13.51 2.88 -34.43
N MET B 122 14.35 3.90 -34.20
CA MET B 122 14.30 5.13 -35.00
C MET B 122 14.84 4.89 -36.40
N ALA B 123 15.10 3.62 -36.71
CA ALA B 123 15.58 3.21 -38.03
C ALA B 123 14.34 2.87 -38.85
N VAL B 124 13.22 2.70 -38.18
CA VAL B 124 11.98 2.43 -38.86
C VAL B 124 11.54 3.87 -39.14
N LYS B 125 10.86 4.09 -40.27
CA LYS B 125 10.45 5.43 -40.64
C LYS B 125 8.96 5.70 -40.48
N ASP B 126 8.16 4.65 -40.59
CA ASP B 126 6.70 4.76 -40.47
C ASP B 126 6.24 5.06 -39.04
N ASN B 127 5.77 6.28 -38.80
CA ASN B 127 5.30 6.72 -37.48
C ASN B 127 4.15 5.89 -36.87
N ARG B 128 3.54 5.02 -37.68
CA ARG B 128 2.44 4.17 -37.21
C ARG B 128 2.99 2.90 -36.56
N VAL B 129 4.22 2.53 -36.91
CA VAL B 129 4.84 1.35 -36.31
C VAL B 129 5.16 1.74 -34.87
N HIS B 130 5.81 2.90 -34.71
CA HIS B 130 6.18 3.43 -33.41
C HIS B 130 4.98 3.55 -32.47
N GLN B 131 3.84 4.00 -33.01
CA GLN B 131 2.64 4.11 -32.20
C GLN B 131 2.20 2.70 -31.85
N LEU B 132 2.37 1.78 -32.80
CA LEU B 132 1.98 0.38 -32.60
C LEU B 132 2.90 -0.30 -31.58
N ILE B 133 4.21 -0.21 -31.77
CA ILE B 133 5.13 -0.82 -30.82
C ILE B 133 5.03 -0.23 -29.40
N SER B 134 4.80 1.08 -29.30
CA SER B 134 4.72 1.73 -28.01
C SER B 134 3.48 1.39 -27.18
N GLU B 135 2.30 1.40 -27.81
CA GLU B 135 1.06 1.07 -27.09
C GLU B 135 1.09 -0.42 -26.67
N SER B 136 1.78 -1.23 -27.46
CA SER B 136 1.93 -2.64 -27.16
C SER B 136 2.81 -2.84 -25.95
N ILE B 137 3.87 -2.03 -25.82
CA ILE B 137 4.77 -2.17 -24.68
C ILE B 137 4.02 -1.77 -23.45
N VAL B 138 3.14 -0.77 -23.58
CA VAL B 138 2.32 -0.33 -22.45
C VAL B 138 1.42 -1.48 -21.98
N ASP B 139 0.82 -2.20 -22.93
CA ASP B 139 -0.06 -3.32 -22.60
C ASP B 139 0.74 -4.43 -21.97
N VAL B 140 1.97 -4.59 -22.43
CA VAL B 140 2.80 -5.62 -21.85
C VAL B 140 2.93 -5.29 -20.39
N CYS B 141 3.36 -4.07 -20.09
CA CYS B 141 3.58 -3.66 -18.71
C CYS B 141 2.34 -3.73 -17.85
N ARG B 142 1.22 -3.22 -18.33
CA ARG B 142 0.04 -3.28 -17.49
C ARG B 142 -0.28 -4.75 -17.32
N GLY B 143 0.10 -5.56 -18.30
CA GLY B 143 -0.11 -7.00 -18.18
C GLY B 143 0.68 -7.48 -16.97
N GLU B 144 2.00 -7.33 -17.03
CA GLU B 144 2.86 -7.75 -15.94
C GLU B 144 2.36 -7.33 -14.58
N LEU B 145 1.60 -6.23 -14.54
CA LEU B 145 1.06 -5.75 -13.29
C LEU B 145 -0.17 -6.54 -12.86
N PHE B 146 -1.07 -6.84 -13.80
CA PHE B 146 -2.25 -7.61 -13.42
C PHE B 146 -1.88 -9.01 -12.97
N GLN B 147 -0.76 -9.51 -13.50
CA GLN B 147 -0.26 -10.85 -13.14
C GLN B 147 0.27 -10.87 -11.72
N PHE B 148 1.00 -9.81 -11.33
CA PHE B 148 1.55 -9.69 -9.99
C PHE B 148 0.41 -9.47 -9.00
N GLN B 149 -0.62 -8.81 -9.50
CA GLN B 149 -1.84 -8.48 -8.77
C GLN B 149 -2.77 -9.71 -8.71
N ASP B 150 -2.53 -10.66 -9.61
CA ASP B 150 -3.30 -11.90 -9.69
C ASP B 150 -2.68 -12.96 -8.78
N GLN B 151 -1.40 -12.77 -8.43
CA GLN B 151 -0.69 -13.75 -7.61
C GLN B 151 -1.51 -14.39 -6.49
N PHE B 152 -1.74 -15.70 -6.64
CA PHE B 152 -2.52 -16.53 -5.71
C PHE B 152 -4.03 -16.38 -5.72
N ASN B 153 -4.55 -15.85 -6.81
CA ASN B 153 -5.98 -15.68 -6.96
C ASN B 153 -6.55 -16.93 -7.61
N SER B 154 -7.15 -17.78 -6.79
CA SER B 154 -7.73 -19.02 -7.28
C SER B 154 -9.11 -18.88 -7.90
N GLN B 155 -9.57 -17.66 -8.09
CA GLN B 155 -10.90 -17.44 -8.67
C GLN B 155 -10.85 -16.90 -10.10
N GLN B 156 -9.65 -16.77 -10.64
CA GLN B 156 -9.50 -16.23 -11.96
C GLN B 156 -9.96 -17.23 -13.03
N THR B 157 -10.37 -16.70 -14.18
CA THR B 157 -10.87 -17.52 -15.29
C THR B 157 -9.86 -17.80 -16.45
N ILE B 158 -10.11 -18.87 -17.20
CA ILE B 158 -9.24 -19.21 -18.31
C ILE B 158 -9.20 -18.10 -19.36
N ILE B 159 -10.36 -17.61 -19.76
CA ILE B 159 -10.42 -16.56 -20.76
C ILE B 159 -9.49 -15.42 -20.28
N ASN B 160 -9.32 -15.35 -18.96
CA ASN B 160 -8.51 -14.30 -18.37
C ASN B 160 -7.03 -14.68 -18.29
N TYR B 161 -6.74 -15.98 -18.28
CA TYR B 161 -5.35 -16.43 -18.25
C TYR B 161 -4.76 -16.21 -19.63
N LEU B 162 -5.56 -16.41 -20.66
CA LEU B 162 -5.15 -16.22 -22.06
C LEU B 162 -4.86 -14.75 -22.39
N ARG B 163 -5.65 -13.86 -21.81
CA ARG B 163 -5.51 -12.45 -22.04
C ARG B 163 -4.19 -12.02 -21.38
N ARG B 164 -3.83 -12.75 -20.32
CA ARG B 164 -2.61 -12.52 -19.57
C ARG B 164 -1.35 -13.01 -20.28
N ILE B 165 -1.42 -14.10 -21.03
CA ILE B 165 -0.22 -14.56 -21.73
C ILE B 165 -0.13 -13.89 -23.09
N ASN B 166 -1.19 -13.19 -23.45
CA ASN B 166 -1.22 -12.44 -24.69
C ASN B 166 -0.36 -11.18 -24.51
N ARG B 167 -0.62 -10.42 -23.45
CA ARG B 167 0.13 -9.20 -23.17
C ARG B 167 1.57 -9.55 -22.75
N LYS B 168 1.67 -10.47 -21.81
CA LYS B 168 2.94 -10.92 -21.28
C LYS B 168 3.95 -11.52 -22.28
N THR B 169 3.49 -12.29 -23.27
CA THR B 169 4.43 -12.93 -24.19
C THR B 169 4.14 -12.89 -25.69
N ALA B 170 2.91 -13.22 -26.05
CA ALA B 170 2.49 -13.25 -27.44
C ALA B 170 2.64 -11.91 -28.18
N LEU B 171 2.31 -10.83 -27.48
CA LEU B 171 2.36 -9.47 -28.02
C LEU B 171 3.68 -9.02 -28.63
N LEU B 172 4.80 -9.46 -28.09
CA LEU B 172 6.09 -9.07 -28.63
C LEU B 172 6.54 -10.02 -29.75
N ILE B 173 5.90 -11.17 -29.87
CA ILE B 173 6.23 -12.11 -30.94
C ILE B 173 5.42 -11.62 -32.13
N GLN B 174 4.24 -11.10 -31.82
CA GLN B 174 3.33 -10.53 -32.79
C GLN B 174 3.99 -9.31 -33.45
N ILE B 175 4.56 -8.45 -32.61
CA ILE B 175 5.28 -7.26 -33.10
C ILE B 175 6.51 -7.66 -33.94
N SER B 176 7.18 -8.74 -33.55
CA SER B 176 8.36 -9.19 -34.29
C SER B 176 7.99 -9.64 -35.69
N THR B 177 6.84 -10.28 -35.84
CA THR B 177 6.46 -10.75 -37.15
C THR B 177 5.81 -9.67 -37.98
N GLU B 178 5.05 -8.78 -37.34
CA GLU B 178 4.34 -7.69 -38.03
C GLU B 178 5.29 -6.64 -38.60
N VAL B 179 6.08 -6.05 -37.71
CA VAL B 179 7.07 -5.05 -38.03
C VAL B 179 8.10 -5.60 -39.03
N GLY B 180 8.52 -6.83 -38.81
CA GLY B 180 9.49 -7.41 -39.71
C GLY B 180 9.02 -7.39 -41.16
N ALA B 181 7.71 -7.55 -41.35
CA ALA B 181 7.16 -7.55 -42.69
C ALA B 181 7.01 -6.10 -43.16
N ILE B 182 6.59 -5.23 -42.24
CA ILE B 182 6.38 -3.84 -42.54
C ILE B 182 7.69 -3.15 -42.84
N THR B 183 8.81 -3.76 -42.46
CA THR B 183 10.10 -3.13 -42.75
C THR B 183 10.53 -3.35 -44.21
N SER B 184 10.15 -4.49 -44.79
CA SER B 184 10.53 -4.82 -46.17
C SER B 184 9.36 -4.55 -47.13
N GLN B 185 8.49 -3.64 -46.72
CA GLN B 185 7.34 -3.25 -47.50
C GLN B 185 6.51 -4.42 -48.05
N SER B 186 5.91 -5.18 -47.15
CA SER B 186 5.03 -6.28 -47.55
C SER B 186 3.64 -5.63 -47.67
N ASP B 187 2.64 -6.38 -48.12
CA ASP B 187 1.31 -5.79 -48.28
C ASP B 187 0.30 -6.18 -47.22
N LYS B 188 -0.67 -5.29 -47.02
CA LYS B 188 -1.72 -5.46 -46.05
C LYS B 188 -1.97 -6.91 -45.63
N GLU B 189 -2.22 -7.80 -46.61
CA GLU B 189 -2.49 -9.22 -46.33
C GLU B 189 -1.36 -10.01 -45.73
N THR B 190 -0.21 -9.98 -46.38
CA THR B 190 0.96 -10.70 -45.90
C THR B 190 1.32 -10.23 -44.48
N VAL B 191 1.20 -8.93 -44.23
CA VAL B 191 1.49 -8.37 -42.92
C VAL B 191 0.43 -8.88 -41.94
N ARG B 192 -0.84 -8.69 -42.30
CA ARG B 192 -1.91 -9.15 -41.45
C ARG B 192 -1.70 -10.65 -41.19
N LYS B 193 -1.22 -11.34 -42.22
CA LYS B 193 -0.97 -12.77 -42.12
C LYS B 193 0.14 -13.05 -41.10
N LEU B 194 1.24 -12.32 -41.19
CA LEU B 194 2.34 -12.52 -40.27
C LEU B 194 2.05 -11.98 -38.87
N LYS B 195 1.22 -10.94 -38.79
CA LYS B 195 0.84 -10.46 -37.47
C LYS B 195 0.13 -11.64 -36.76
N MET B 196 -0.83 -12.26 -37.43
CA MET B 196 -1.57 -13.40 -36.87
C MET B 196 -0.72 -14.66 -36.61
N ILE B 197 0.15 -15.01 -37.57
CA ILE B 197 1.03 -16.19 -37.40
C ILE B 197 1.85 -16.02 -36.14
N GLY B 198 2.51 -14.86 -36.04
CA GLY B 198 3.31 -14.55 -34.87
C GLY B 198 2.53 -14.56 -33.58
N HIS B 199 1.33 -14.00 -33.57
CA HIS B 199 0.54 -14.00 -32.36
C HIS B 199 0.20 -15.42 -31.92
N TYR B 200 -0.14 -16.30 -32.85
CA TYR B 200 -0.45 -17.71 -32.49
C TYR B 200 0.77 -18.47 -31.97
N ILE B 201 1.94 -18.22 -32.56
CA ILE B 201 3.15 -18.86 -32.11
C ILE B 201 3.41 -18.43 -30.67
N GLY B 202 3.25 -17.13 -30.42
CA GLY B 202 3.47 -16.57 -29.10
C GLY B 202 2.57 -17.15 -28.02
N MET B 203 1.30 -17.38 -28.34
CA MET B 203 0.36 -17.97 -27.38
C MET B 203 0.80 -19.40 -27.08
N SER B 204 1.12 -20.16 -28.12
CA SER B 204 1.59 -21.52 -27.95
C SER B 204 2.88 -21.57 -27.14
N PHE B 205 3.76 -20.63 -27.45
CA PHE B 205 5.05 -20.50 -26.82
C PHE B 205 4.87 -20.54 -25.31
N GLN B 206 4.16 -19.55 -24.78
CA GLN B 206 3.91 -19.41 -23.36
C GLN B 206 3.19 -20.58 -22.73
N ILE B 207 2.22 -21.14 -23.43
CA ILE B 207 1.49 -22.26 -22.88
C ILE B 207 2.47 -23.38 -22.63
N ILE B 208 3.45 -23.50 -23.51
CA ILE B 208 4.45 -24.54 -23.35
C ILE B 208 5.29 -24.31 -22.11
N ASP B 209 5.76 -23.09 -21.91
CA ASP B 209 6.54 -22.78 -20.69
C ASP B 209 5.78 -23.29 -19.44
N ASP B 210 4.51 -22.94 -19.33
CA ASP B 210 3.70 -23.30 -18.18
C ASP B 210 3.57 -24.76 -18.01
N VAL B 211 3.56 -25.48 -19.11
CA VAL B 211 3.46 -26.92 -18.98
C VAL B 211 4.82 -27.43 -18.49
N LEU B 212 5.91 -26.91 -19.07
CA LEU B 212 7.25 -27.34 -18.70
C LEU B 212 7.68 -26.94 -17.30
N ASP B 213 6.80 -26.29 -16.56
CA ASP B 213 7.17 -25.89 -15.23
C ASP B 213 6.84 -27.00 -14.27
N PHE B 214 6.08 -27.99 -14.74
CA PHE B 214 5.66 -29.12 -13.94
C PHE B 214 6.27 -30.43 -14.44
N THR B 215 6.49 -30.49 -15.74
CA THR B 215 7.03 -31.68 -16.39
C THR B 215 8.57 -31.77 -16.61
N SER B 216 9.27 -30.64 -16.48
CA SER B 216 10.72 -30.56 -16.69
C SER B 216 11.58 -31.00 -15.51
N THR B 217 12.72 -30.33 -15.30
CA THR B 217 13.61 -30.72 -14.20
C THR B 217 14.24 -29.54 -13.45
N GLU B 218 14.46 -29.72 -12.16
CA GLU B 218 15.07 -28.69 -11.31
C GLU B 218 16.35 -28.22 -12.01
N LYS B 219 17.03 -29.17 -12.65
CA LYS B 219 18.27 -28.90 -13.36
C LYS B 219 18.10 -28.21 -14.71
N LYS B 220 17.28 -28.77 -15.60
CA LYS B 220 17.08 -28.16 -16.91
C LYS B 220 16.27 -26.85 -16.84
N LEU B 221 15.52 -26.66 -15.76
CA LEU B 221 14.74 -25.43 -15.58
C LEU B 221 15.53 -24.32 -14.90
N GLY B 222 16.66 -24.68 -14.29
CA GLY B 222 17.45 -23.67 -13.59
C GLY B 222 16.53 -22.98 -12.61
N LYS B 223 15.73 -23.80 -11.93
CA LYS B 223 14.76 -23.34 -10.94
C LYS B 223 14.05 -24.59 -10.45
N PRO B 224 13.36 -24.51 -9.29
CA PRO B 224 12.64 -25.65 -8.73
C PRO B 224 11.81 -26.46 -9.69
N VAL B 225 10.52 -26.23 -9.61
CA VAL B 225 9.51 -26.92 -10.39
C VAL B 225 8.28 -26.50 -9.58
N GLY B 226 7.17 -26.23 -10.26
CA GLY B 226 6.00 -25.77 -9.55
C GLY B 226 6.35 -24.32 -9.25
N SER B 227 7.58 -23.96 -9.61
CA SER B 227 8.09 -22.61 -9.44
C SER B 227 7.00 -21.52 -9.61
N ASP B 228 6.28 -21.58 -10.73
CA ASP B 228 5.21 -20.60 -10.99
C ASP B 228 4.09 -20.66 -9.97
N LEU B 229 3.86 -21.83 -9.39
CA LEU B 229 2.82 -21.99 -8.41
C LEU B 229 3.34 -21.52 -7.06
N LEU B 230 4.63 -21.73 -6.82
CA LEU B 230 5.24 -21.31 -5.57
C LEU B 230 5.19 -19.79 -5.48
N ASN B 231 5.06 -19.14 -6.62
CA ASN B 231 4.97 -17.69 -6.66
C ASN B 231 3.54 -17.25 -6.85
N GLY B 232 2.62 -18.20 -6.77
CA GLY B 232 1.21 -17.88 -6.92
C GLY B 232 0.60 -17.80 -8.31
N HIS B 233 1.40 -17.95 -9.37
CA HIS B 233 0.92 -17.90 -10.76
C HIS B 233 0.11 -19.13 -11.13
N ILE B 234 -1.20 -18.94 -11.27
CA ILE B 234 -2.14 -19.99 -11.61
C ILE B 234 -2.24 -20.07 -13.14
N THR B 235 -1.46 -20.98 -13.73
CA THR B 235 -1.38 -21.12 -15.17
C THR B 235 -2.33 -22.17 -15.75
N LEU B 236 -2.44 -22.21 -17.08
CA LEU B 236 -3.36 -23.12 -17.74
C LEU B 236 -3.47 -24.54 -17.15
N PRO B 237 -2.34 -25.24 -16.95
CA PRO B 237 -2.49 -26.59 -16.39
C PRO B 237 -3.35 -26.58 -15.14
N ILE B 238 -3.01 -25.66 -14.22
CA ILE B 238 -3.70 -25.54 -12.96
C ILE B 238 -5.15 -25.08 -13.05
N LEU B 239 -5.51 -24.37 -14.10
CA LEU B 239 -6.89 -23.89 -14.27
C LEU B 239 -7.75 -25.06 -14.75
N LEU B 240 -7.13 -25.94 -15.55
CA LEU B 240 -7.81 -27.08 -16.10
C LEU B 240 -8.10 -28.11 -15.04
N GLU B 241 -7.11 -28.41 -14.22
CA GLU B 241 -7.36 -29.39 -13.18
C GLU B 241 -8.38 -28.87 -12.19
N MET B 242 -8.55 -27.55 -12.08
CA MET B 242 -9.52 -27.03 -11.13
C MET B 242 -10.95 -27.27 -11.59
N ARG B 243 -11.30 -26.85 -12.82
CA ARG B 243 -12.65 -27.02 -13.33
C ARG B 243 -13.17 -28.46 -13.23
N LYS B 244 -12.29 -29.45 -13.26
CA LYS B 244 -12.77 -30.82 -13.18
C LYS B 244 -12.44 -31.54 -11.90
N ASN B 245 -11.90 -30.83 -10.91
CA ASN B 245 -11.52 -31.45 -9.64
C ASN B 245 -11.81 -30.53 -8.47
N PRO B 246 -13.08 -30.50 -8.02
CA PRO B 246 -13.49 -29.66 -6.89
C PRO B 246 -12.68 -29.79 -5.60
N ASP B 247 -11.90 -30.86 -5.46
CA ASP B 247 -11.07 -31.01 -4.24
C ASP B 247 -9.86 -30.12 -4.42
N PHE B 248 -9.23 -30.24 -5.59
CA PHE B 248 -8.05 -29.48 -5.94
C PHE B 248 -8.39 -27.99 -5.98
N LYS B 249 -9.61 -27.67 -6.40
CA LYS B 249 -10.02 -26.28 -6.45
C LYS B 249 -10.01 -25.65 -5.04
N LEU B 250 -10.49 -26.40 -4.05
CA LEU B 250 -10.50 -25.90 -2.68
C LEU B 250 -9.07 -25.94 -2.17
N LYS B 251 -8.30 -26.87 -2.71
CA LYS B 251 -6.91 -27.03 -2.31
C LYS B 251 -6.09 -25.84 -2.82
N ILE B 252 -6.59 -25.21 -3.88
CA ILE B 252 -5.93 -24.04 -4.45
C ILE B 252 -6.47 -22.75 -3.83
N GLU B 253 -7.74 -22.73 -3.46
CA GLU B 253 -8.34 -21.57 -2.83
C GLU B 253 -7.62 -21.22 -1.53
N GLN B 254 -7.07 -22.23 -0.85
CA GLN B 254 -6.40 -21.99 0.42
C GLN B 254 -4.92 -21.78 0.29
N LEU B 255 -4.42 -21.70 -0.93
CA LEU B 255 -2.97 -21.59 -1.16
C LEU B 255 -2.36 -20.19 -1.28
N ARG B 256 -1.31 -19.92 -0.50
CA ARG B 256 -0.61 -18.64 -0.56
C ARG B 256 0.83 -18.76 -0.09
N ARG B 257 1.62 -17.73 -0.39
CA ARG B 257 3.04 -17.72 -0.04
C ARG B 257 3.42 -18.40 1.29
N ASP B 258 2.78 -17.99 2.37
CA ASP B 258 3.11 -18.57 3.66
C ASP B 258 2.64 -20.01 3.87
N SER B 259 2.18 -20.67 2.81
CA SER B 259 1.75 -22.06 2.97
C SER B 259 3.01 -22.93 3.06
N GLU B 260 2.89 -24.06 3.75
CA GLU B 260 4.04 -24.93 3.93
C GLU B 260 4.40 -25.67 2.64
N ARG B 261 5.70 -25.69 2.34
CA ARG B 261 6.19 -26.31 1.11
C ARG B 261 5.56 -27.63 0.71
N LYS B 262 4.96 -28.34 1.67
CA LYS B 262 4.34 -29.63 1.34
C LYS B 262 2.94 -29.52 0.74
N GLU B 263 2.24 -28.43 1.01
CA GLU B 263 0.92 -28.29 0.40
C GLU B 263 1.21 -27.98 -1.06
N PHE B 264 2.29 -27.25 -1.30
CA PHE B 264 2.71 -26.93 -2.63
C PHE B 264 3.17 -28.20 -3.35
N GLU B 265 4.12 -28.91 -2.75
CA GLU B 265 4.60 -30.14 -3.34
C GLU B 265 3.39 -31.00 -3.72
N GLU B 266 2.46 -31.13 -2.79
CA GLU B 266 1.26 -31.93 -3.03
C GLU B 266 0.53 -31.47 -4.29
N CYS B 267 0.37 -30.16 -4.43
CA CYS B 267 -0.30 -29.58 -5.59
C CYS B 267 0.45 -29.80 -6.88
N ILE B 268 1.73 -29.43 -6.92
CA ILE B 268 2.49 -29.63 -8.13
C ILE B 268 2.63 -31.12 -8.46
N GLN B 269 2.48 -31.96 -7.46
CA GLN B 269 2.59 -33.41 -7.66
C GLN B 269 1.29 -33.98 -8.23
N ILE B 270 0.18 -33.29 -8.01
CA ILE B 270 -1.11 -33.74 -8.49
C ILE B 270 -1.28 -33.37 -9.96
N ILE B 271 -0.76 -32.21 -10.35
CA ILE B 271 -0.88 -31.77 -11.73
C ILE B 271 -0.18 -32.74 -12.70
N ARG B 272 0.96 -33.29 -12.27
CA ARG B 272 1.73 -34.20 -13.13
C ARG B 272 1.06 -35.51 -13.55
N LYS B 273 0.48 -36.25 -12.61
CA LYS B 273 -0.17 -37.51 -12.98
C LYS B 273 -1.54 -37.20 -13.54
N SER B 274 -1.74 -35.95 -13.92
CA SER B 274 -3.01 -35.47 -14.45
C SER B 274 -3.11 -35.47 -15.97
N ASP B 275 -4.35 -35.33 -16.45
CA ASP B 275 -4.63 -35.27 -17.88
C ASP B 275 -4.50 -33.80 -18.30
N SER B 276 -4.58 -32.93 -17.30
CA SER B 276 -4.51 -31.49 -17.49
C SER B 276 -3.20 -31.02 -18.10
N ILE B 277 -2.13 -31.73 -17.83
CA ILE B 277 -0.86 -31.37 -18.41
C ILE B 277 -0.99 -31.61 -19.90
N ASP B 278 -1.82 -32.57 -20.26
CA ASP B 278 -2.00 -32.89 -21.67
C ASP B 278 -3.07 -32.04 -22.33
N GLU B 279 -4.09 -31.67 -21.58
CA GLU B 279 -5.13 -30.83 -22.14
C GLU B 279 -4.45 -29.49 -22.42
N ALA B 280 -3.53 -29.07 -21.55
CA ALA B 280 -2.79 -27.81 -21.72
C ALA B 280 -1.97 -27.87 -22.99
N LYS B 281 -1.14 -28.90 -23.09
CA LYS B 281 -0.30 -29.14 -24.26
C LYS B 281 -1.15 -29.09 -25.51
N ALA B 282 -2.39 -29.59 -25.40
CA ALA B 282 -3.32 -29.65 -26.52
C ALA B 282 -3.71 -28.28 -27.05
N VAL B 283 -3.89 -27.35 -26.12
CA VAL B 283 -4.24 -25.99 -26.49
C VAL B 283 -3.05 -25.35 -27.23
N SER B 284 -1.85 -25.73 -26.80
CA SER B 284 -0.66 -25.22 -27.42
C SER B 284 -0.76 -25.68 -28.86
N SER B 285 -0.99 -26.99 -29.01
CA SER B 285 -1.10 -27.59 -30.34
C SER B 285 -2.16 -27.02 -31.26
N LYS B 286 -3.37 -26.82 -30.75
CA LYS B 286 -4.36 -26.25 -31.62
C LYS B 286 -3.86 -24.87 -32.09
N TYR B 287 -3.22 -24.13 -31.16
CA TYR B 287 -2.67 -22.79 -31.46
C TYR B 287 -1.61 -22.85 -32.54
N LEU B 288 -0.74 -23.87 -32.49
CA LEU B 288 0.29 -24.07 -33.50
C LEU B 288 -0.28 -24.36 -34.91
N SER B 289 -1.38 -25.12 -34.98
CA SER B 289 -2.02 -25.43 -36.26
C SER B 289 -2.60 -24.15 -36.80
N LYS B 290 -3.24 -23.38 -35.95
CA LYS B 290 -3.79 -22.13 -36.45
C LYS B 290 -2.65 -21.37 -37.13
N ALA B 291 -1.43 -21.54 -36.63
CA ALA B 291 -0.31 -20.82 -37.22
C ALA B 291 0.18 -21.49 -38.50
N LEU B 292 0.25 -22.82 -38.48
CA LEU B 292 0.70 -23.57 -39.66
C LEU B 292 -0.24 -23.42 -40.85
N ASN B 293 -1.54 -23.31 -40.56
CA ASN B 293 -2.52 -23.15 -41.62
C ASN B 293 -2.21 -21.85 -42.39
N LEU B 294 -2.01 -20.77 -41.66
CA LEU B 294 -1.71 -19.47 -42.24
C LEU B 294 -0.33 -19.41 -42.89
N ILE B 295 0.59 -20.25 -42.45
CA ILE B 295 1.93 -20.18 -43.02
C ILE B 295 1.85 -20.76 -44.42
N SER B 296 0.94 -21.70 -44.56
CA SER B 296 0.75 -22.39 -45.81
C SER B 296 0.18 -21.44 -46.83
N GLU B 297 -0.77 -20.61 -46.40
CA GLU B 297 -1.35 -19.64 -47.30
C GLU B 297 -0.36 -18.58 -47.78
N LEU B 298 0.93 -18.77 -47.52
CA LEU B 298 1.97 -17.83 -47.94
C LEU B 298 2.75 -18.40 -49.12
N PRO B 299 3.33 -17.53 -49.98
CA PRO B 299 4.12 -17.95 -51.15
C PRO B 299 5.25 -18.95 -50.87
N ASP B 300 5.31 -19.99 -51.69
CA ASP B 300 6.34 -21.03 -51.58
C ASP B 300 7.72 -20.50 -51.88
N GLY B 301 8.70 -21.03 -51.15
CA GLY B 301 10.07 -20.60 -51.31
C GLY B 301 10.84 -21.01 -50.07
N HIS B 302 12.12 -20.62 -49.95
CA HIS B 302 12.89 -21.01 -48.79
C HIS B 302 12.36 -20.39 -47.50
N PRO B 303 12.04 -19.09 -47.54
CA PRO B 303 11.53 -18.49 -46.30
C PRO B 303 10.35 -19.31 -45.77
N LYS B 304 9.32 -19.49 -46.58
CA LYS B 304 8.17 -20.27 -46.16
C LYS B 304 8.56 -21.64 -45.59
N SER B 305 9.68 -22.20 -46.07
CA SER B 305 10.16 -23.48 -45.57
C SER B 305 10.83 -23.34 -44.21
N LEU B 306 11.42 -22.16 -43.96
CA LEU B 306 12.12 -21.91 -42.70
C LEU B 306 11.14 -21.60 -41.60
N LEU B 307 10.10 -20.84 -41.92
CA LEU B 307 9.10 -20.49 -40.94
C LEU B 307 8.38 -21.78 -40.57
N LEU B 308 8.01 -22.60 -41.57
CA LEU B 308 7.34 -23.89 -41.33
C LEU B 308 8.19 -24.76 -40.40
N SER B 309 9.47 -24.83 -40.71
CA SER B 309 10.42 -25.58 -39.91
C SER B 309 10.53 -25.02 -38.48
N LEU B 310 10.76 -23.71 -38.36
CA LEU B 310 10.87 -23.08 -37.06
C LEU B 310 9.56 -23.18 -36.27
N THR B 311 8.43 -23.00 -36.93
CA THR B 311 7.16 -23.11 -36.25
C THR B 311 6.90 -24.54 -35.77
N LYS B 312 7.61 -25.49 -36.35
CA LYS B 312 7.39 -26.89 -35.97
C LYS B 312 8.25 -27.38 -34.85
N LYS B 313 9.31 -26.64 -34.55
CA LYS B 313 10.17 -27.01 -33.44
C LYS B 313 9.49 -26.31 -32.25
N MET B 314 9.22 -25.02 -32.40
CA MET B 314 8.57 -24.23 -31.36
C MET B 314 7.61 -25.08 -30.50
N GLY B 315 6.79 -25.89 -31.15
CA GLY B 315 5.83 -26.71 -30.44
C GLY B 315 6.35 -28.05 -30.01
N SER B 316 7.11 -28.71 -30.89
CA SER B 316 7.69 -30.01 -30.56
C SER B 316 9.00 -29.75 -29.80
N ARG B 317 8.89 -28.91 -28.77
CA ARG B 317 10.02 -28.51 -27.95
C ARG B 317 9.79 -28.96 -26.52
N ASN B 318 10.82 -28.81 -25.69
CA ASN B 318 10.74 -29.18 -24.29
C ASN B 318 11.89 -28.61 -23.45
N THR B 319 12.22 -27.34 -23.68
CA THR B 319 13.26 -26.65 -22.92
C THR B 319 13.55 -25.25 -23.49
N THR C 3 -26.46 7.90 46.00
CA THR C 3 -25.79 9.00 45.21
C THR C 3 -24.99 8.48 44.01
N THR C 4 -24.94 9.28 42.94
CA THR C 4 -24.18 8.87 41.76
C THR C 4 -22.70 8.99 42.04
N VAL C 5 -22.29 9.98 42.84
CA VAL C 5 -20.87 10.11 43.14
C VAL C 5 -20.29 8.75 43.56
N SER C 6 -20.86 8.20 44.63
CA SER C 6 -20.42 6.93 45.16
C SER C 6 -20.62 5.78 44.19
N LYS C 7 -21.75 5.73 43.51
CA LYS C 7 -21.97 4.64 42.56
C LYS C 7 -20.83 4.60 41.55
N LEU C 8 -20.55 5.76 40.92
CA LEU C 8 -19.48 5.86 39.92
C LEU C 8 -18.13 5.40 40.45
N GLU C 9 -17.83 5.68 41.72
CA GLU C 9 -16.55 5.25 42.29
C GLU C 9 -16.52 3.72 42.32
N ARG C 10 -17.67 3.12 42.54
CA ARG C 10 -17.76 1.68 42.56
C ARG C 10 -17.63 1.14 41.14
N GLN C 11 -18.26 1.79 40.17
CA GLN C 11 -18.17 1.34 38.78
C GLN C 11 -16.73 1.46 38.27
N ILE C 12 -16.08 2.59 38.52
CA ILE C 12 -14.70 2.80 38.07
C ILE C 12 -13.85 1.68 38.67
N GLU C 13 -14.27 1.25 39.85
CA GLU C 13 -13.61 0.18 40.60
C GLU C 13 -13.55 -1.12 39.83
N GLU C 14 -14.71 -1.62 39.44
CA GLU C 14 -14.77 -2.86 38.69
C GLU C 14 -13.91 -2.75 37.44
N ARG C 15 -14.12 -1.67 36.69
CA ARG C 15 -13.39 -1.38 35.45
C ARG C 15 -11.88 -1.24 35.66
N LEU C 16 -11.44 -0.75 36.83
CA LEU C 16 -10.02 -0.60 37.09
C LEU C 16 -9.38 -1.74 37.87
N LYS C 17 -9.92 -2.94 37.75
CA LYS C 17 -9.34 -4.06 38.48
C LYS C 17 -7.85 -4.20 38.23
N GLY C 18 -7.48 -5.31 37.59
CA GLY C 18 -6.08 -5.62 37.31
C GLY C 18 -5.04 -4.54 37.08
N VAL C 19 -5.34 -3.29 37.43
CA VAL C 19 -4.40 -2.19 37.24
C VAL C 19 -3.52 -1.86 38.45
N SER C 20 -2.21 -1.93 38.25
CA SER C 20 -1.25 -1.65 39.32
C SER C 20 -1.51 -0.31 40.01
N GLU C 21 -0.85 0.76 39.56
CA GLU C 21 -1.05 2.07 40.21
C GLU C 21 -1.55 3.21 39.32
N TYR C 22 -2.76 3.68 39.57
CA TYR C 22 -3.33 4.79 38.80
C TYR C 22 -3.34 6.12 39.56
N GLU C 23 -2.97 7.19 38.85
CA GLU C 23 -2.86 8.54 39.42
C GLU C 23 -3.92 9.08 40.41
N SER C 24 -5.01 9.70 39.94
CA SER C 24 -5.98 10.30 40.88
C SER C 24 -7.48 10.15 40.60
N ILE C 25 -8.00 11.05 39.77
CA ILE C 25 -9.42 11.10 39.37
C ILE C 25 -10.38 11.90 40.28
N ASN C 26 -10.44 13.23 40.14
CA ASN C 26 -11.38 14.03 40.93
C ASN C 26 -12.77 13.80 40.32
N ILE C 27 -13.78 13.57 41.15
CA ILE C 27 -15.12 13.33 40.62
C ILE C 27 -16.11 14.44 40.93
N ASN C 28 -15.79 15.67 40.57
CA ASN C 28 -16.70 16.81 40.79
C ASN C 28 -17.94 16.45 41.61
N HIS C 29 -17.82 16.57 42.94
CA HIS C 29 -18.90 16.25 43.86
C HIS C 29 -20.19 17.06 43.66
N ARG C 30 -20.06 18.37 43.54
CA ARG C 30 -21.23 19.23 43.31
C ARG C 30 -22.22 18.65 42.29
N LEU C 31 -21.80 18.54 41.04
CA LEU C 31 -22.64 18.03 39.96
C LEU C 31 -23.35 16.74 40.34
N GLY C 32 -22.65 15.89 41.10
CA GLY C 32 -23.26 14.66 41.55
C GLY C 32 -24.32 15.04 42.56
N LYS C 33 -23.95 15.98 43.44
CA LYS C 33 -24.85 16.48 44.47
C LYS C 33 -26.06 17.20 43.89
N LEU C 34 -26.36 18.36 44.49
CA LEU C 34 -27.47 19.22 44.12
C LEU C 34 -28.22 18.72 42.89
N LEU C 35 -27.49 18.44 41.81
CA LEU C 35 -28.13 17.94 40.60
C LEU C 35 -28.59 16.48 40.72
N ASP C 36 -29.59 16.29 41.58
CA ASP C 36 -30.22 15.01 41.87
C ASP C 36 -31.73 15.24 41.88
N SER C 37 -32.23 15.78 40.77
CA SER C 37 -33.65 16.02 40.58
C SER C 37 -34.18 14.62 40.24
N TYR C 38 -33.73 13.67 41.07
CA TYR C 38 -34.06 12.25 40.96
C TYR C 38 -34.86 11.78 39.76
N ASP C 39 -36.12 12.24 39.67
CA ASP C 39 -37.03 11.87 38.59
C ASP C 39 -36.41 11.13 37.41
N ILE C 40 -35.28 11.65 36.92
CA ILE C 40 -34.55 11.08 35.79
C ILE C 40 -33.89 9.74 36.14
N PRO C 41 -33.81 8.83 35.16
CA PRO C 41 -33.22 7.49 35.30
C PRO C 41 -31.96 7.44 36.15
N ASP C 42 -31.57 6.24 36.55
CA ASP C 42 -30.38 6.06 37.39
C ASP C 42 -29.10 6.23 36.59
N VAL C 43 -28.92 5.34 35.62
CA VAL C 43 -27.76 5.35 34.77
C VAL C 43 -27.54 6.72 34.14
N ALA C 44 -28.62 7.30 33.64
CA ALA C 44 -28.58 8.62 33.01
C ALA C 44 -27.89 9.64 33.89
N LYS C 45 -27.92 9.42 35.21
CA LYS C 45 -27.27 10.34 36.11
C LYS C 45 -25.77 10.10 35.99
N VAL C 46 -25.33 8.92 36.38
CA VAL C 46 -23.91 8.59 36.34
C VAL C 46 -23.28 8.70 34.95
N ALA C 47 -24.05 8.43 33.90
CA ALA C 47 -23.47 8.56 32.55
C ALA C 47 -23.00 10.00 32.45
N CYS C 48 -23.89 10.93 32.75
CA CYS C 48 -23.56 12.34 32.69
C CYS C 48 -22.37 12.70 33.61
N LEU C 49 -22.31 12.10 34.80
CA LEU C 49 -21.21 12.38 35.72
C LEU C 49 -19.90 11.69 35.23
N THR C 50 -20.03 10.58 34.51
CA THR C 50 -18.86 9.86 33.98
C THR C 50 -18.18 10.58 32.82
N ILE C 51 -18.96 11.06 31.86
CA ILE C 51 -18.34 11.74 30.75
C ILE C 51 -17.71 13.06 31.23
N ASP C 52 -18.28 13.64 32.28
CA ASP C 52 -17.76 14.87 32.86
C ASP C 52 -16.43 14.53 33.54
N THR C 53 -16.34 13.31 34.07
CA THR C 53 -15.15 12.83 34.78
C THR C 53 -13.96 12.55 33.86
N SER C 54 -14.16 11.75 32.82
CA SER C 54 -13.06 11.46 31.93
C SER C 54 -12.53 12.77 31.35
N MET C 55 -13.45 13.54 30.76
CA MET C 55 -13.13 14.84 30.17
C MET C 55 -12.27 15.74 31.09
N ARG C 56 -12.69 15.91 32.34
CA ARG C 56 -11.90 16.74 33.26
C ARG C 56 -10.58 16.08 33.65
N HIS C 57 -10.53 14.74 33.58
CA HIS C 57 -9.33 13.99 33.90
C HIS C 57 -8.30 14.17 32.82
N LEU C 58 -8.71 14.08 31.57
CA LEU C 58 -7.80 14.25 30.44
C LEU C 58 -7.37 15.71 30.39
N ASP C 59 -8.24 16.60 30.82
CA ASP C 59 -7.88 18.02 30.82
C ASP C 59 -6.68 18.18 31.72
N ASP C 60 -6.85 17.71 32.94
CA ASP C 60 -5.84 17.77 34.00
C ASP C 60 -4.48 17.17 33.71
N ILE C 61 -4.44 16.10 32.93
CA ILE C 61 -3.19 15.46 32.62
C ILE C 61 -2.13 16.44 32.10
N THR C 62 -2.54 17.40 31.29
CA THR C 62 -1.60 18.36 30.75
C THR C 62 -1.32 19.54 31.70
N TYR C 63 -2.19 19.78 32.67
CA TYR C 63 -2.02 20.88 33.64
C TYR C 63 -1.35 20.48 34.96
N ASN C 64 -1.71 19.32 35.50
CA ASN C 64 -1.10 18.84 36.73
C ASN C 64 0.14 18.01 36.39
N HIS C 65 0.42 17.89 35.09
CA HIS C 65 1.55 17.11 34.60
C HIS C 65 1.49 15.62 34.93
N LEU C 66 0.29 15.06 34.98
CA LEU C 66 0.15 13.64 35.24
C LEU C 66 0.82 12.89 34.07
N SER C 67 1.33 11.70 34.35
CA SER C 67 2.00 10.90 33.32
C SER C 67 1.06 10.64 32.16
N LYS C 68 1.62 10.18 31.06
CA LYS C 68 0.84 9.87 29.87
C LYS C 68 -0.12 8.70 30.09
N HIS C 69 0.36 7.65 30.77
CA HIS C 69 -0.45 6.48 31.07
C HIS C 69 -1.75 6.91 31.73
N SER C 70 -1.78 8.14 32.20
CA SER C 70 -3.00 8.64 32.83
C SER C 70 -4.14 8.80 31.80
N ILE C 71 -3.74 9.03 30.54
CA ILE C 71 -4.63 9.19 29.41
C ILE C 71 -5.49 7.92 29.24
N LEU C 72 -4.87 6.75 29.37
CA LEU C 72 -5.60 5.49 29.21
C LEU C 72 -6.72 5.38 30.23
N ILE C 73 -6.45 5.86 31.42
CA ILE C 73 -7.41 5.87 32.51
C ILE C 73 -8.58 6.74 32.07
N GLY C 74 -8.26 7.96 31.64
CA GLY C 74 -9.28 8.88 31.22
C GLY C 74 -10.14 8.33 30.12
N ASP C 75 -9.53 7.50 29.26
CA ASP C 75 -10.24 6.89 28.15
C ASP C 75 -11.06 5.66 28.54
N LEU C 76 -10.64 4.97 29.60
CA LEU C 76 -11.38 3.81 30.05
C LEU C 76 -12.70 4.32 30.63
N ILE C 77 -12.58 5.38 31.43
CA ILE C 77 -13.73 6.00 32.06
C ILE C 77 -14.67 6.49 30.96
N SER C 78 -14.05 6.87 29.85
CA SER C 78 -14.81 7.37 28.73
C SER C 78 -15.52 6.22 28.04
N ALA C 79 -14.83 5.11 27.87
CA ALA C 79 -15.44 3.94 27.23
C ALA C 79 -16.52 3.46 28.19
N HIS C 80 -16.26 3.60 29.48
CA HIS C 80 -17.24 3.19 30.46
C HIS C 80 -18.53 3.95 30.20
N PHE C 81 -18.42 5.25 29.95
CA PHE C 81 -19.57 6.11 29.67
C PHE C 81 -20.49 5.57 28.58
N TYR C 82 -19.94 4.87 27.59
CA TYR C 82 -20.75 4.37 26.49
C TYR C 82 -21.45 3.03 26.77
N THR C 83 -20.81 2.17 27.54
CA THR C 83 -21.45 0.90 27.89
C THR C 83 -22.72 1.33 28.61
N LEU C 84 -22.60 2.46 29.28
CA LEU C 84 -23.66 3.11 30.05
C LEU C 84 -24.71 3.72 29.11
N LEU C 85 -24.27 4.41 28.05
CA LEU C 85 -25.28 4.94 27.12
C LEU C 85 -25.97 3.71 26.56
N ALA C 86 -25.21 2.62 26.45
CA ALA C 86 -25.70 1.35 25.92
C ALA C 86 -26.86 0.76 26.72
N GLU C 87 -26.78 0.77 28.05
CA GLU C 87 -27.89 0.22 28.83
C GLU C 87 -29.06 1.21 28.95
N ILE C 88 -28.78 2.51 28.76
CA ILE C 88 -29.84 3.54 28.81
C ILE C 88 -30.81 3.35 27.63
N ASN C 89 -30.37 2.63 26.61
CA ASN C 89 -31.20 2.31 25.46
C ASN C 89 -31.91 3.46 24.75
N ASP C 90 -31.94 4.64 25.35
CA ASP C 90 -32.56 5.80 24.71
C ASP C 90 -31.61 6.25 23.61
N LEU C 91 -31.87 5.82 22.38
CA LEU C 91 -30.99 6.15 21.28
C LEU C 91 -30.84 7.65 20.98
N SER C 92 -31.94 8.40 20.95
CA SER C 92 -31.86 9.84 20.66
C SER C 92 -31.00 10.60 21.65
N PHE C 93 -30.95 10.13 22.89
CA PHE C 93 -30.15 10.76 23.94
C PHE C 93 -28.68 10.66 23.59
N GLN C 94 -28.31 9.58 22.90
CA GLN C 94 -26.94 9.38 22.49
C GLN C 94 -26.46 10.35 21.40
N ASN C 95 -27.42 10.92 20.65
CA ASN C 95 -27.15 11.88 19.59
C ASN C 95 -26.87 13.18 20.31
N GLU C 96 -27.90 13.73 20.93
CA GLU C 96 -27.79 14.97 21.69
C GLU C 96 -26.54 15.03 22.55
N ILE C 97 -26.28 13.93 23.25
CA ILE C 97 -25.13 13.85 24.14
C ILE C 97 -23.77 13.81 23.42
N SER C 98 -23.67 13.08 22.31
CA SER C 98 -22.38 13.05 21.62
C SER C 98 -22.22 14.31 20.82
N LYS C 99 -23.33 14.98 20.54
CA LYS C 99 -23.29 16.26 19.82
C LYS C 99 -22.64 17.27 20.79
N ALA C 100 -22.89 17.06 22.08
CA ALA C 100 -22.36 17.89 23.15
C ALA C 100 -20.88 17.62 23.40
N ILE C 101 -20.50 16.33 23.42
CA ILE C 101 -19.11 16.00 23.63
C ILE C 101 -18.20 16.60 22.54
N VAL C 102 -18.53 16.47 21.25
CA VAL C 102 -17.62 17.06 20.27
C VAL C 102 -17.57 18.58 20.46
N GLU C 103 -18.68 19.19 20.83
CA GLU C 103 -18.71 20.63 21.03
C GLU C 103 -17.84 21.10 22.19
N ILE C 104 -18.00 20.43 23.33
CA ILE C 104 -17.20 20.73 24.50
C ILE C 104 -15.73 20.72 24.07
N ASN C 105 -15.33 19.63 23.39
CA ASN C 105 -13.96 19.48 22.89
C ASN C 105 -13.54 20.55 21.90
N GLU C 106 -14.44 20.94 21.02
CA GLU C 106 -14.16 22.02 20.06
C GLU C 106 -13.96 23.33 20.86
N LEU C 107 -14.85 23.62 21.81
CA LEU C 107 -14.69 24.85 22.58
C LEU C 107 -13.37 24.87 23.33
N LYS C 108 -13.02 23.79 24.05
CA LYS C 108 -11.73 23.78 24.78
C LYS C 108 -10.57 24.02 23.80
N SER C 109 -10.61 23.39 22.62
CA SER C 109 -9.55 23.61 21.65
C SER C 109 -9.46 25.09 21.27
N SER C 110 -10.62 25.69 21.06
CA SER C 110 -10.69 27.08 20.71
C SER C 110 -10.09 27.95 21.83
N LEU C 111 -10.37 27.61 23.08
CA LEU C 111 -9.83 28.36 24.22
C LEU C 111 -8.32 28.20 24.28
N HIS C 112 -7.86 26.97 24.18
CA HIS C 112 -6.45 26.70 24.21
C HIS C 112 -5.72 27.49 23.11
N HIS C 113 -6.29 27.56 21.91
CA HIS C 113 -5.65 28.25 20.80
C HIS C 113 -5.91 29.76 20.67
N GLN C 114 -6.20 30.42 21.81
CA GLN C 114 -6.45 31.85 21.85
C GLN C 114 -7.28 32.27 20.62
N ALA C 115 -8.35 31.52 20.33
CA ALA C 115 -9.16 31.83 19.17
C ALA C 115 -10.50 32.50 19.45
N LEU C 116 -10.89 32.64 20.71
CA LEU C 116 -12.17 33.28 21.02
C LEU C 116 -12.06 34.71 21.57
N ASN C 117 -13.05 35.56 21.30
CA ASN C 117 -13.02 36.93 21.85
C ASN C 117 -13.65 36.78 23.24
N ASP C 118 -13.91 37.88 23.95
CA ASP C 118 -14.47 37.75 25.32
C ASP C 118 -15.92 37.31 25.40
N TYR C 119 -16.73 37.75 24.46
CA TYR C 119 -18.14 37.35 24.40
C TYR C 119 -18.15 35.84 24.27
N GLU C 120 -17.30 35.37 23.35
CA GLU C 120 -17.14 33.94 23.02
C GLU C 120 -16.62 33.08 24.16
N ILE C 121 -15.54 33.52 24.80
CA ILE C 121 -14.94 32.79 25.92
C ILE C 121 -16.00 32.52 26.97
N SER C 122 -16.78 33.56 27.25
CA SER C 122 -17.83 33.50 28.24
C SER C 122 -18.97 32.59 27.84
N GLN C 123 -19.30 32.56 26.55
CA GLN C 123 -20.36 31.68 26.08
C GLN C 123 -19.84 30.24 26.19
N ALA C 124 -18.55 30.07 25.86
CA ALA C 124 -17.91 28.76 25.89
C ALA C 124 -17.92 28.16 27.29
N ILE C 125 -17.63 29.00 28.27
CA ILE C 125 -17.58 28.58 29.68
C ILE C 125 -18.92 28.06 30.18
N VAL C 126 -20.01 28.74 29.87
CA VAL C 126 -21.30 28.26 30.35
C VAL C 126 -21.52 26.87 29.81
N LYS C 127 -21.32 26.73 28.49
CA LYS C 127 -21.47 25.48 27.75
C LYS C 127 -20.61 24.41 28.38
N ILE C 128 -19.30 24.61 28.37
CA ILE C 128 -18.43 23.61 28.95
C ILE C 128 -18.89 23.21 30.37
N GLU C 129 -19.28 24.20 31.17
CA GLU C 129 -19.69 23.90 32.53
C GLU C 129 -21.09 23.41 32.82
N THR C 130 -22.02 23.54 31.88
CA THR C 130 -23.42 23.14 32.09
C THR C 130 -24.00 22.17 31.07
N LEU C 131 -23.43 22.19 29.87
CA LEU C 131 -23.87 21.36 28.75
C LEU C 131 -24.18 19.92 29.08
N PHE C 132 -23.28 19.17 29.71
CA PHE C 132 -23.63 17.79 30.01
C PHE C 132 -24.83 17.66 30.92
N PRO C 133 -24.84 18.37 32.05
CA PRO C 133 -26.04 18.22 32.90
C PRO C 133 -27.27 18.84 32.26
N TYR C 134 -27.11 20.01 31.63
CA TYR C 134 -28.23 20.67 30.97
C TYR C 134 -28.98 19.72 30.07
N ILE C 135 -28.28 19.06 29.15
CA ILE C 135 -28.96 18.14 28.24
C ILE C 135 -29.32 16.79 28.88
N THR C 136 -28.65 16.40 29.96
CA THR C 136 -29.01 15.13 30.57
C THR C 136 -30.35 15.31 31.28
N LEU C 137 -30.44 16.33 32.14
CA LEU C 137 -31.66 16.65 32.89
C LEU C 137 -32.81 17.00 31.92
N SER C 138 -32.57 17.96 31.03
CA SER C 138 -33.59 18.40 30.07
C SER C 138 -33.96 17.40 28.97
N HIS C 139 -33.82 16.12 29.25
CA HIS C 139 -34.17 15.10 28.26
C HIS C 139 -35.07 14.07 28.91
N PHE C 140 -34.94 13.98 30.23
CA PHE C 140 -35.70 13.02 31.05
C PHE C 140 -36.72 13.72 31.95
N GLY C 141 -36.32 14.84 32.56
CA GLY C 141 -37.22 15.58 33.43
C GLY C 141 -37.73 16.82 32.71
N ILE C 142 -38.70 16.61 31.81
CA ILE C 142 -39.33 17.66 30.97
C ILE C 142 -38.32 18.57 30.25
N ASN C 143 -38.64 18.90 28.99
CA ASN C 143 -37.79 19.78 28.17
C ASN C 143 -37.76 21.19 28.77
N ILE C 144 -38.93 21.83 28.80
CA ILE C 144 -39.07 23.18 29.36
C ILE C 144 -39.02 23.04 30.88
N ASP C 145 -37.90 22.50 31.37
CA ASP C 145 -37.67 22.25 32.78
C ASP C 145 -36.48 23.05 33.32
N GLU C 146 -35.28 22.65 32.92
CA GLU C 146 -34.05 23.33 33.33
C GLU C 146 -33.67 24.33 32.26
N SER C 147 -34.48 24.39 31.20
CA SER C 147 -34.25 25.27 30.06
C SER C 147 -34.64 26.72 30.38
N GLU C 148 -35.61 26.89 31.27
CA GLU C 148 -36.03 28.23 31.68
C GLU C 148 -35.03 28.70 32.74
N ILE C 149 -34.34 27.73 33.34
CA ILE C 149 -33.37 27.99 34.39
C ILE C 149 -31.96 27.68 33.87
N TYR C 150 -31.84 27.58 32.55
CA TYR C 150 -30.58 27.29 31.87
C TYR C 150 -29.37 27.97 32.52
N ASN C 151 -29.39 29.29 32.59
CA ASN C 151 -28.27 30.02 33.17
C ASN C 151 -28.25 30.02 34.69
N TYR C 152 -29.15 29.23 35.27
CA TYR C 152 -29.23 29.11 36.73
C TYR C 152 -28.87 27.68 37.13
N LEU C 153 -28.77 26.82 36.12
CA LEU C 153 -28.35 25.44 36.35
C LEU C 153 -26.87 25.64 36.60
N PHE C 154 -26.34 26.70 36.00
CA PHE C 154 -24.95 27.13 36.12
C PHE C 154 -24.75 27.49 37.57
N GLU C 155 -25.86 27.47 38.32
CA GLU C 155 -25.86 27.79 39.74
C GLU C 155 -25.61 26.61 40.66
N ASP C 156 -24.33 26.37 40.86
CA ASP C 156 -23.79 25.34 41.70
C ASP C 156 -22.32 25.57 41.44
N MET C 157 -22.06 26.88 41.35
CA MET C 157 -20.78 27.50 41.15
C MET C 157 -20.75 28.48 42.35
N SER C 158 -21.91 28.62 42.99
CA SER C 158 -22.08 29.52 44.13
C SER C 158 -21.46 28.95 45.40
N ASP C 159 -20.15 29.16 45.53
CA ASP C 159 -19.35 28.70 46.66
C ASP C 159 -17.89 28.75 46.21
N TYR C 160 -17.66 28.36 44.96
CA TYR C 160 -16.33 28.34 44.36
C TYR C 160 -15.84 29.77 44.12
N TYR C 161 -15.70 30.53 45.20
CA TYR C 161 -15.23 31.92 45.15
C TYR C 161 -14.12 32.04 44.09
N PRO C 162 -13.91 33.26 43.53
CA PRO C 162 -12.86 33.46 42.51
C PRO C 162 -11.55 32.79 42.96
N SER C 163 -11.59 31.46 42.89
CA SER C 163 -10.51 30.58 43.28
C SER C 163 -10.63 29.36 42.38
N TYR C 164 -11.70 29.32 41.58
CA TYR C 164 -11.93 28.21 40.67
C TYR C 164 -11.17 28.33 39.36
N PHE C 165 -10.09 27.57 39.22
CA PHE C 165 -9.28 27.59 38.02
C PHE C 165 -9.56 26.32 37.23
N LYS C 166 -10.22 26.52 36.10
CA LYS C 166 -10.63 25.51 35.13
C LYS C 166 -9.75 24.30 34.92
N LYS C 167 -8.60 24.53 34.28
CA LYS C 167 -7.60 23.52 33.92
C LYS C 167 -7.58 23.63 32.41
N TYR C 168 -8.78 23.81 31.83
CA TYR C 168 -8.88 24.02 30.39
C TYR C 168 -8.60 25.50 30.13
N ASN C 169 -8.58 26.30 31.21
CA ASN C 169 -8.26 27.72 31.09
C ASN C 169 -6.73 27.86 31.32
N GLN C 170 -6.04 26.73 31.39
CA GLN C 170 -4.57 26.67 31.57
C GLN C 170 -3.76 27.76 30.83
N SER C 171 -4.00 27.97 29.54
CA SER C 171 -3.22 28.98 28.80
C SER C 171 -3.64 30.43 29.07
N GLU C 172 -4.56 30.63 30.03
CA GLU C 172 -5.01 31.96 30.41
C GLU C 172 -4.66 32.14 31.91
N VAL C 173 -4.28 33.36 32.32
CA VAL C 173 -3.90 33.60 33.71
C VAL C 173 -5.04 33.89 34.70
N LYS C 174 -4.81 33.59 35.97
CA LYS C 174 -5.83 33.77 37.03
C LYS C 174 -6.63 35.03 36.80
N HIS C 175 -5.96 36.19 36.82
CA HIS C 175 -6.64 37.46 36.61
C HIS C 175 -7.76 37.20 35.60
N TYR C 176 -7.40 37.07 34.33
CA TYR C 176 -8.35 36.80 33.24
C TYR C 176 -9.57 36.06 33.78
N LEU C 177 -9.41 34.74 33.83
CA LEU C 177 -10.41 33.79 34.26
C LEU C 177 -11.33 34.25 35.35
N HIS C 178 -10.77 34.66 36.47
CA HIS C 178 -11.58 35.09 37.60
C HIS C 178 -12.43 36.31 37.24
N ASP C 179 -12.02 37.04 36.20
CA ASP C 179 -12.78 38.20 35.73
C ASP C 179 -13.85 37.79 34.71
N ILE C 180 -13.48 37.13 33.61
CA ILE C 180 -14.50 36.72 32.63
C ILE C 180 -15.51 35.73 33.22
N GLN C 181 -15.25 35.24 34.42
CA GLN C 181 -16.18 34.30 35.06
C GLN C 181 -16.87 34.94 36.24
N LYS C 182 -16.56 36.22 36.45
CA LYS C 182 -17.17 37.01 37.51
C LYS C 182 -18.04 37.96 36.70
N SER C 183 -17.48 38.41 35.58
CA SER C 183 -18.18 39.31 34.67
C SER C 183 -19.08 38.49 33.76
N TYR C 184 -19.86 37.60 34.36
CA TYR C 184 -20.82 36.76 33.67
C TYR C 184 -21.46 35.82 34.68
N LEU C 185 -21.60 36.36 35.89
CA LEU C 185 -22.22 35.71 37.03
C LEU C 185 -23.02 36.88 37.61
N LYS C 186 -22.40 38.05 37.53
CA LYS C 186 -23.00 39.29 37.99
C LYS C 186 -23.74 39.83 36.78
N SER C 187 -24.39 38.91 36.05
CA SER C 187 -25.15 39.22 34.85
C SER C 187 -26.10 38.06 34.58
N ARG C 188 -25.55 36.85 34.58
CA ARG C 188 -26.33 35.64 34.34
C ARG C 188 -27.51 35.55 35.31
N GLY C 189 -27.31 36.10 36.52
CA GLY C 189 -28.36 36.08 37.51
C GLY C 189 -29.06 37.43 37.59
N ASN C 190 -30.34 37.45 37.24
CA ASN C 190 -31.16 38.67 37.24
C ASN C 190 -31.01 39.49 35.96
N THR D 3 -1.51 23.16 -17.17
CA THR D 3 -0.16 22.70 -16.71
C THR D 3 0.15 21.23 -17.04
N THR D 4 1.42 20.92 -17.28
CA THR D 4 1.78 19.55 -17.60
C THR D 4 1.73 18.70 -16.34
N VAL D 5 2.06 19.29 -15.19
CA VAL D 5 2.01 18.51 -13.94
C VAL D 5 0.66 17.78 -13.87
N SER D 6 -0.41 18.55 -13.88
CA SER D 6 -1.75 18.02 -13.78
C SER D 6 -2.11 17.12 -14.96
N LYS D 7 -1.77 17.52 -16.17
CA LYS D 7 -2.09 16.67 -17.31
C LYS D 7 -1.51 15.27 -17.11
N LEU D 8 -0.21 15.19 -16.78
CA LEU D 8 0.47 13.91 -16.56
C LEU D 8 -0.21 13.07 -15.49
N GLU D 9 -0.73 13.69 -14.44
CA GLU D 9 -1.41 12.93 -13.39
C GLU D 9 -2.65 12.28 -13.97
N ARG D 10 -3.27 12.97 -14.92
CA ARG D 10 -4.45 12.43 -15.56
C ARG D 10 -4.04 11.30 -16.50
N GLN D 11 -2.95 11.48 -17.25
CA GLN D 11 -2.50 10.43 -18.16
C GLN D 11 -2.09 9.18 -17.38
N ILE D 12 -1.32 9.34 -16.30
CA ILE D 12 -0.89 8.19 -15.51
C ILE D 12 -2.13 7.46 -15.03
N GLU D 13 -3.18 8.24 -14.81
CA GLU D 13 -4.48 7.76 -14.35
C GLU D 13 -5.09 6.73 -15.29
N GLU D 14 -5.26 7.13 -16.55
CA GLU D 14 -5.83 6.22 -17.53
C GLU D 14 -5.00 4.95 -17.60
N ARG D 15 -3.68 5.12 -17.72
CA ARG D 15 -2.72 4.02 -17.81
C ARG D 15 -2.71 3.13 -16.56
N LEU D 16 -3.01 3.69 -15.38
CA LEU D 16 -3.02 2.88 -14.16
C LEU D 16 -4.39 2.41 -13.73
N LYS D 17 -5.30 2.21 -14.68
CA LYS D 17 -6.62 1.75 -14.32
C LYS D 17 -6.60 0.50 -13.47
N GLY D 18 -7.12 -0.59 -14.02
CA GLY D 18 -7.21 -1.86 -13.31
C GLY D 18 -6.19 -2.28 -12.28
N VAL D 19 -5.38 -1.34 -11.76
CA VAL D 19 -4.36 -1.67 -10.76
C VAL D 19 -4.82 -1.45 -9.31
N SER D 20 -4.74 -2.52 -8.52
CA SER D 20 -5.13 -2.48 -7.12
C SER D 20 -4.46 -1.33 -6.34
N GLU D 21 -3.33 -1.60 -5.69
CA GLU D 21 -2.65 -0.55 -4.93
C GLU D 21 -1.21 -0.22 -5.31
N TYR D 22 -0.99 0.98 -5.84
CA TYR D 22 0.36 1.41 -6.23
C TYR D 22 1.00 2.41 -5.25
N GLU D 23 2.27 2.19 -4.95
CA GLU D 23 3.03 3.01 -3.99
C GLU D 23 2.87 4.54 -3.94
N SER D 24 3.65 5.30 -4.73
CA SER D 24 3.57 6.78 -4.64
C SER D 24 3.60 7.63 -5.91
N ILE D 25 4.82 7.89 -6.40
CA ILE D 25 5.10 8.69 -7.61
C ILE D 25 5.19 10.21 -7.43
N ASN D 26 6.35 10.75 -7.01
CA ASN D 26 6.52 12.20 -6.88
C ASN D 26 6.69 12.73 -8.30
N ILE D 27 6.01 13.82 -8.64
CA ILE D 27 6.12 14.36 -9.99
C ILE D 27 6.82 15.70 -10.06
N ASN D 28 8.04 15.79 -9.54
CA ASN D 28 8.83 17.03 -9.58
C ASN D 28 8.06 18.23 -10.13
N HIS D 29 7.37 18.95 -9.23
CA HIS D 29 6.56 20.10 -9.60
C HIS D 29 7.32 21.24 -10.29
N ARG D 30 8.46 21.64 -9.74
CA ARG D 30 9.28 22.69 -10.34
C ARG D 30 9.40 22.57 -11.87
N LEU D 31 10.06 21.51 -12.33
CA LEU D 31 10.27 21.28 -13.76
C LEU D 31 9.00 21.45 -14.57
N GLY D 32 7.87 21.04 -14.00
CA GLY D 32 6.60 21.20 -14.68
C GLY D 32 6.32 22.70 -14.69
N LYS D 33 6.56 23.32 -13.54
CA LYS D 33 6.35 24.75 -13.37
C LYS D 33 7.27 25.58 -14.26
N LEU D 34 7.85 26.62 -13.65
CA LEU D 34 8.76 27.55 -14.29
C LEU D 34 9.08 27.18 -15.74
N LEU D 35 9.49 25.92 -15.97
CA LEU D 35 9.80 25.48 -17.31
C LEU D 35 8.54 25.26 -18.17
N ASP D 36 7.88 26.38 -18.45
CA ASP D 36 6.66 26.45 -19.27
C ASP D 36 6.83 27.62 -20.24
N SER D 37 7.92 27.58 -21.00
CA SER D 37 8.21 28.58 -22.02
C SER D 37 7.28 28.16 -23.16
N TYR D 38 6.03 27.91 -22.77
CA TYR D 38 4.94 27.48 -23.64
C TYR D 38 5.26 27.18 -25.09
N ASP D 39 5.68 28.21 -25.84
CA ASP D 39 6.01 28.09 -27.26
C ASP D 39 6.11 26.66 -27.81
N ILE D 40 6.83 25.79 -27.08
CA ILE D 40 7.03 24.40 -27.44
C ILE D 40 5.75 23.57 -27.33
N PRO D 41 5.60 22.56 -28.21
CA PRO D 41 4.43 21.67 -28.26
C PRO D 41 3.90 21.25 -26.90
N ASP D 42 2.69 20.70 -26.90
CA ASP D 42 2.07 20.26 -25.66
C ASP D 42 2.67 18.96 -25.13
N VAL D 43 2.52 17.92 -25.92
CA VAL D 43 3.03 16.61 -25.59
C VAL D 43 4.51 16.69 -25.23
N ALA D 44 5.29 17.40 -26.05
CA ALA D 44 6.72 17.56 -25.84
C ALA D 44 7.03 18.01 -24.42
N LYS D 45 6.09 18.69 -23.78
CA LYS D 45 6.29 19.12 -22.42
C LYS D 45 6.18 17.90 -21.53
N VAL D 46 4.99 17.32 -21.48
CA VAL D 46 4.75 16.16 -20.63
C VAL D 46 5.66 14.96 -20.94
N ALA D 47 6.07 14.78 -22.19
CA ALA D 47 6.95 13.66 -22.50
C ALA D 47 8.20 13.88 -21.64
N CYS D 48 8.77 15.08 -21.70
CA CYS D 48 9.95 15.40 -20.92
C CYS D 48 9.70 15.23 -19.41
N LEU D 49 8.52 15.62 -18.94
CA LEU D 49 8.22 15.48 -17.51
C LEU D 49 7.96 13.99 -17.14
N THR D 50 7.48 13.19 -18.11
CA THR D 50 7.20 11.76 -17.88
C THR D 50 8.47 10.93 -17.76
N ILE D 51 9.42 11.14 -18.67
CA ILE D 51 10.63 10.35 -18.60
C ILE D 51 11.41 10.73 -17.34
N ASP D 52 11.26 11.97 -16.90
CA ASP D 52 11.91 12.46 -15.69
C ASP D 52 11.25 11.76 -14.49
N THR D 53 9.96 11.49 -14.63
CA THR D 53 9.17 10.85 -13.58
C THR D 53 9.49 9.36 -13.38
N SER D 54 9.45 8.57 -14.45
CA SER D 54 9.74 7.16 -14.30
C SER D 54 11.15 7.02 -13.73
N MET D 55 12.11 7.67 -14.38
CA MET D 55 13.51 7.66 -13.96
C MET D 55 13.70 7.95 -12.46
N ARG D 56 13.09 9.03 -11.97
CA ARG D 56 13.23 9.34 -10.54
C ARG D 56 12.47 8.33 -9.65
N HIS D 57 11.44 7.70 -10.22
CA HIS D 57 10.64 6.72 -9.49
C HIS D 57 11.42 5.45 -9.30
N LEU D 58 12.09 4.99 -10.36
CA LEU D 58 12.90 3.78 -10.26
C LEU D 58 14.11 4.05 -9.39
N ASP D 59 14.59 5.30 -9.40
CA ASP D 59 15.73 5.62 -8.55
C ASP D 59 15.34 5.35 -7.12
N ASP D 60 14.22 5.97 -6.74
CA ASP D 60 13.67 5.90 -5.41
C ASP D 60 13.38 4.52 -4.86
N ILE D 61 12.96 3.60 -5.72
CA ILE D 61 12.63 2.26 -5.27
C ILE D 61 13.74 1.64 -4.41
N THR D 62 14.99 1.87 -4.77
CA THR D 62 16.09 1.30 -4.01
C THR D 62 16.49 2.14 -2.78
N TYR D 63 16.10 3.41 -2.75
CA TYR D 63 16.42 4.30 -1.63
C TYR D 63 15.32 4.40 -0.55
N ASN D 64 14.06 4.49 -0.98
CA ASN D 64 12.95 4.55 -0.04
C ASN D 64 12.48 3.13 0.28
N HIS D 65 13.16 2.15 -0.29
CA HIS D 65 12.82 0.74 -0.09
C HIS D 65 11.43 0.34 -0.56
N LEU D 66 10.93 0.99 -1.62
CA LEU D 66 9.64 0.65 -2.17
C LEU D 66 9.73 -0.81 -2.66
N SER D 67 8.59 -1.51 -2.64
CA SER D 67 8.55 -2.90 -3.08
C SER D 67 9.01 -3.02 -4.52
N LYS D 68 9.30 -4.24 -4.95
CA LYS D 68 9.75 -4.48 -6.31
C LYS D 68 8.67 -4.18 -7.34
N HIS D 69 7.43 -4.57 -7.05
CA HIS D 69 6.30 -4.33 -7.93
C HIS D 69 6.26 -2.86 -8.29
N SER D 70 6.97 -2.03 -7.54
CA SER D 70 7.01 -0.59 -7.83
C SER D 70 7.73 -0.32 -9.16
N ILE D 71 8.67 -1.23 -9.50
CA ILE D 71 9.45 -1.17 -10.72
C ILE D 71 8.51 -1.20 -11.94
N LEU D 72 7.50 -2.06 -11.92
CA LEU D 72 6.57 -2.15 -13.05
C LEU D 72 5.89 -0.82 -13.31
N ILE D 73 5.56 -0.13 -12.22
CA ILE D 73 4.92 1.17 -12.28
C ILE D 73 5.88 2.10 -13.01
N GLY D 74 7.12 2.15 -12.52
CA GLY D 74 8.12 3.02 -13.10
C GLY D 74 8.30 2.77 -14.57
N ASP D 75 8.14 1.51 -14.97
CA ASP D 75 8.30 1.11 -16.36
C ASP D 75 7.05 1.37 -17.22
N LEU D 76 5.87 1.39 -16.60
CA LEU D 76 4.66 1.69 -17.34
C LEU D 76 4.75 3.17 -17.73
N ILE D 77 5.11 3.99 -16.76
CA ILE D 77 5.25 5.43 -16.96
C ILE D 77 6.29 5.67 -18.05
N SER D 78 7.25 4.76 -18.10
CA SER D 78 8.32 4.86 -19.07
C SER D 78 7.78 4.51 -20.45
N ALA D 79 6.99 3.44 -20.52
CA ALA D 79 6.42 3.03 -21.80
C ALA D 79 5.46 4.14 -22.20
N HIS D 80 4.80 4.73 -21.21
CA HIS D 80 3.89 5.81 -21.50
C HIS D 80 4.65 6.90 -22.27
N PHE D 81 5.85 7.22 -21.79
CA PHE D 81 6.71 8.22 -22.41
C PHE D 81 6.91 8.04 -23.91
N TYR D 82 6.93 6.79 -24.37
CA TYR D 82 7.17 6.52 -25.79
C TYR D 82 5.92 6.61 -26.67
N THR D 83 4.77 6.25 -26.13
CA THR D 83 3.54 6.37 -26.90
C THR D 83 3.45 7.86 -27.21
N LEU D 84 3.97 8.64 -26.28
CA LEU D 84 4.05 10.10 -26.33
C LEU D 84 5.09 10.55 -27.35
N LEU D 85 6.27 9.94 -27.37
CA LEU D 85 7.22 10.34 -28.39
C LEU D 85 6.55 9.98 -29.71
N ALA D 86 5.74 8.93 -29.67
CA ALA D 86 5.03 8.43 -30.86
C ALA D 86 4.07 9.47 -31.47
N GLU D 87 3.29 10.18 -30.65
CA GLU D 87 2.39 11.18 -31.22
C GLU D 87 3.12 12.47 -31.56
N ILE D 88 4.28 12.72 -30.93
CA ILE D 88 5.07 13.91 -31.23
C ILE D 88 5.62 13.86 -32.67
N ASN D 89 5.64 12.67 -33.23
CA ASN D 89 6.05 12.46 -34.62
C ASN D 89 7.39 13.05 -35.06
N ASP D 90 7.99 13.90 -34.23
CA ASP D 90 9.30 14.46 -34.57
C ASP D 90 10.32 13.34 -34.35
N LEU D 91 10.68 12.66 -35.42
CA LEU D 91 11.62 11.55 -35.28
C LEU D 91 13.02 11.91 -34.73
N SER D 92 13.63 12.97 -35.22
CA SER D 92 14.96 13.35 -34.73
C SER D 92 14.99 13.63 -33.23
N PHE D 93 13.88 14.10 -32.68
CA PHE D 93 13.79 14.41 -31.26
C PHE D 93 13.92 13.13 -30.47
N GLN D 94 13.46 12.02 -31.05
CA GLN D 94 13.53 10.73 -30.39
C GLN D 94 14.96 10.17 -30.29
N ASN D 95 15.84 10.67 -31.16
CA ASN D 95 17.25 10.27 -31.18
C ASN D 95 17.89 11.03 -30.03
N GLU D 96 17.97 12.35 -30.18
CA GLU D 96 18.53 13.22 -29.15
C GLU D 96 18.06 12.84 -27.74
N ILE D 97 16.76 12.59 -27.61
CA ILE D 97 16.18 12.27 -26.32
C ILE D 97 16.59 10.89 -25.78
N SER D 98 16.66 9.88 -26.65
CA SER D 98 17.04 8.55 -26.15
C SER D 98 18.53 8.53 -25.96
N LYS D 99 19.24 9.43 -26.64
CA LYS D 99 20.68 9.52 -26.49
C LYS D 99 20.93 10.04 -25.07
N ALA D 100 19.99 10.85 -24.59
CA ALA D 100 20.05 11.44 -23.25
C ALA D 100 19.69 10.42 -22.18
N ILE D 101 18.66 9.62 -22.44
CA ILE D 101 18.27 8.62 -21.47
C ILE D 101 19.40 7.62 -21.21
N VAL D 102 20.04 7.06 -22.23
CA VAL D 102 21.10 6.11 -21.92
C VAL D 102 22.22 6.80 -21.14
N GLU D 103 22.49 8.06 -21.46
CA GLU D 103 23.54 8.81 -20.77
C GLU D 103 23.24 9.05 -19.29
N ILE D 104 22.01 9.53 -19.02
CA ILE D 104 21.59 9.76 -17.66
C ILE D 104 21.85 8.46 -16.88
N ASN D 105 21.37 7.33 -17.44
CA ASN D 105 21.54 6.02 -16.81
C ASN D 105 22.99 5.62 -16.63
N GLU D 106 23.82 5.91 -17.62
CA GLU D 106 25.26 5.61 -17.52
C GLU D 106 25.85 6.48 -16.39
N LEU D 107 25.53 7.77 -16.36
CA LEU D 107 26.07 8.61 -15.30
C LEU D 107 25.63 8.12 -13.92
N LYS D 108 24.36 7.83 -13.70
CA LYS D 108 23.92 7.33 -12.38
C LYS D 108 24.69 6.05 -12.01
N SER D 109 24.90 5.15 -12.98
CA SER D 109 25.65 3.93 -12.70
C SER D 109 27.06 4.28 -12.24
N SER D 110 27.67 5.23 -12.94
CA SER D 110 29.00 5.67 -12.60
C SER D 110 29.04 6.24 -11.18
N LEU D 111 28.02 7.01 -10.81
CA LEU D 111 27.96 7.60 -9.46
C LEU D 111 27.81 6.49 -8.42
N HIS D 112 26.87 5.59 -8.67
CA HIS D 112 26.63 4.49 -7.76
C HIS D 112 27.93 3.70 -7.54
N HIS D 113 28.68 3.44 -8.61
CA HIS D 113 29.91 2.65 -8.51
C HIS D 113 31.20 3.39 -8.13
N GLN D 114 31.06 4.53 -7.44
CA GLN D 114 32.20 5.33 -6.99
C GLN D 114 33.25 5.40 -8.11
N ALA D 115 32.81 5.68 -9.34
CA ALA D 115 33.75 5.72 -10.44
C ALA D 115 34.12 7.09 -10.96
N LEU D 116 33.49 8.15 -10.47
CA LEU D 116 33.81 9.50 -10.94
C LEU D 116 34.64 10.33 -9.94
N ASN D 117 35.47 11.25 -10.44
CA ASN D 117 36.25 12.11 -9.55
C ASN D 117 35.32 13.27 -9.26
N ASP D 118 35.80 14.33 -8.59
CA ASP D 118 34.90 15.45 -8.25
C ASP D 118 34.47 16.34 -9.39
N TYR D 119 35.37 16.55 -10.36
CA TYR D 119 35.08 17.35 -11.52
C TYR D 119 33.94 16.65 -12.24
N GLU D 120 34.11 15.32 -12.37
CA GLU D 120 33.12 14.44 -13.04
C GLU D 120 31.77 14.33 -12.35
N ILE D 121 31.76 14.11 -11.04
CA ILE D 121 30.51 14.02 -10.27
C ILE D 121 29.66 15.27 -10.53
N SER D 122 30.32 16.42 -10.49
CA SER D 122 29.69 17.70 -10.70
C SER D 122 29.20 17.89 -12.11
N GLN D 123 29.93 17.38 -13.09
CA GLN D 123 29.49 17.51 -14.48
C GLN D 123 28.27 16.59 -14.64
N ALA D 124 28.34 15.41 -14.00
CA ALA D 124 27.27 14.41 -14.05
C ALA D 124 25.95 14.97 -13.51
N ILE D 125 26.05 15.68 -12.38
CA ILE D 125 24.90 16.27 -11.73
C ILE D 125 24.16 17.28 -12.60
N VAL D 126 24.89 18.16 -13.29
CA VAL D 126 24.20 19.15 -14.11
C VAL D 126 23.40 18.42 -15.15
N LYS D 127 24.07 17.47 -15.82
CA LYS D 127 23.49 16.62 -16.87
C LYS D 127 22.25 15.92 -16.34
N ILE D 128 22.42 15.07 -15.34
CA ILE D 128 21.29 14.37 -14.79
C ILE D 128 20.13 15.34 -14.48
N GLU D 129 20.46 16.50 -13.90
CA GLU D 129 19.43 17.43 -13.51
C GLU D 129 18.82 18.36 -14.53
N THR D 130 19.48 18.55 -15.68
CA THR D 130 19.02 19.48 -16.71
C THR D 130 18.83 18.90 -18.11
N LEU D 131 19.57 17.83 -18.39
CA LEU D 131 19.55 17.16 -19.69
C LEU D 131 18.17 16.97 -20.32
N PHE D 132 17.21 16.37 -19.62
CA PHE D 132 15.92 16.21 -20.27
C PHE D 132 15.28 17.52 -20.65
N PRO D 133 15.18 18.47 -19.71
CA PRO D 133 14.56 19.74 -20.13
C PRO D 133 15.43 20.51 -21.11
N TYR D 134 16.74 20.54 -20.88
CA TYR D 134 17.67 21.23 -21.77
C TYR D 134 17.42 20.84 -23.21
N ILE D 135 17.41 19.55 -23.52
CA ILE D 135 17.22 19.10 -24.90
C ILE D 135 15.74 19.16 -25.35
N THR D 136 14.80 19.15 -24.43
CA THR D 136 13.41 19.21 -24.85
C THR D 136 13.14 20.64 -25.32
N LEU D 137 13.46 21.62 -24.46
CA LEU D 137 13.26 23.04 -24.78
C LEU D 137 14.11 23.45 -25.98
N SER D 138 15.42 23.18 -25.93
CA SER D 138 16.32 23.54 -27.03
C SER D 138 16.16 22.77 -28.34
N HIS D 139 14.97 22.27 -28.60
CA HIS D 139 14.72 21.54 -29.83
C HIS D 139 13.49 22.10 -30.52
N PHE D 140 12.64 22.73 -29.71
CA PHE D 140 11.40 23.32 -30.17
C PHE D 140 11.42 24.86 -30.09
N GLY D 141 11.97 25.39 -29.00
CA GLY D 141 12.06 26.83 -28.82
C GLY D 141 13.48 27.29 -29.09
N ILE D 142 13.83 27.38 -30.38
CA ILE D 142 15.16 27.79 -30.87
C ILE D 142 16.33 27.06 -30.20
N ASN D 143 17.34 26.71 -31.01
CA ASN D 143 18.52 26.02 -30.51
C ASN D 143 19.32 26.92 -29.57
N ILE D 144 19.80 28.03 -30.11
CA ILE D 144 20.56 29.01 -29.33
C ILE D 144 19.56 29.79 -28.48
N ASP D 145 18.85 29.04 -27.64
CA ASP D 145 17.81 29.58 -26.77
C ASP D 145 18.16 29.38 -25.30
N GLU D 146 18.08 28.14 -24.84
CA GLU D 146 18.39 27.79 -23.45
C GLU D 146 19.83 27.33 -23.38
N SER D 147 20.50 27.32 -24.54
CA SER D 147 21.88 26.89 -24.67
C SER D 147 22.86 27.94 -24.15
N GLU D 148 22.46 29.21 -24.26
CA GLU D 148 23.31 30.30 -23.78
C GLU D 148 23.07 30.41 -22.27
N ILE D 149 21.94 29.86 -21.83
CA ILE D 149 21.53 29.87 -20.42
C ILE D 149 21.60 28.44 -19.86
N TYR D 150 22.31 27.56 -20.57
CA TYR D 150 22.47 26.16 -20.19
C TYR D 150 22.64 25.96 -18.68
N ASN D 151 23.67 26.57 -18.11
CA ASN D 151 23.92 26.42 -16.68
C ASN D 151 23.03 27.28 -15.81
N TYR D 152 22.04 27.92 -16.43
CA TYR D 152 21.10 28.75 -15.69
C TYR D 152 19.70 28.12 -15.80
N LEU D 153 19.59 27.12 -16.66
CA LEU D 153 18.35 26.36 -16.81
C LEU D 153 18.37 25.54 -15.53
N PHE D 154 19.59 25.28 -15.07
CA PHE D 154 19.87 24.55 -13.85
C PHE D 154 19.31 25.39 -12.71
N GLU D 155 18.86 26.59 -13.07
CA GLU D 155 18.27 27.52 -12.12
C GLU D 155 16.78 27.38 -11.91
N ASP D 156 16.48 26.49 -10.99
CA ASP D 156 15.15 26.15 -10.55
C ASP D 156 15.50 25.06 -9.57
N MET D 157 16.61 25.37 -8.91
CA MET D 157 17.24 24.62 -7.85
C MET D 157 17.33 25.70 -6.75
N SER D 158 17.05 26.94 -7.14
CA SER D 158 17.10 28.08 -6.23
C SER D 158 15.89 28.12 -5.29
N ASP D 159 16.00 27.36 -4.20
CA ASP D 159 14.97 27.23 -3.17
C ASP D 159 15.28 25.97 -2.39
N TYR D 160 15.70 24.94 -3.10
CA TYR D 160 16.06 23.66 -2.51
C TYR D 160 17.36 23.77 -1.72
N TYR D 161 17.35 24.61 -0.69
CA TYR D 161 18.49 24.82 0.19
C TYR D 161 19.21 23.50 0.41
N PRO D 162 20.53 23.53 0.75
CA PRO D 162 21.30 22.29 1.00
C PRO D 162 20.50 21.34 1.90
N SER D 163 19.48 20.77 1.29
CA SER D 163 18.54 19.85 1.91
C SER D 163 18.08 18.91 0.81
N TYR D 164 18.50 19.20 -0.43
CA TYR D 164 18.13 18.38 -1.57
C TYR D 164 19.02 17.15 -1.73
N PHE D 165 18.48 15.99 -1.35
CA PHE D 165 19.21 14.74 -1.46
C PHE D 165 18.65 13.95 -2.64
N LYS D 166 19.48 13.87 -3.68
CA LYS D 166 19.23 13.18 -4.94
C LYS D 166 18.38 11.92 -4.93
N LYS D 167 18.95 10.85 -4.39
CA LYS D 167 18.34 9.50 -4.31
C LYS D 167 19.33 8.68 -5.13
N TYR D 168 19.81 9.27 -6.22
CA TYR D 168 20.82 8.62 -7.04
C TYR D 168 22.18 8.88 -6.38
N ASN D 169 22.18 9.82 -5.42
CA ASN D 169 23.40 10.13 -4.68
C ASN D 169 23.40 9.24 -3.41
N GLN D 170 22.44 8.31 -3.34
CA GLN D 170 22.30 7.35 -2.22
C GLN D 170 23.62 6.80 -1.62
N SER D 171 24.55 6.34 -2.44
CA SER D 171 25.80 5.80 -1.90
C SER D 171 26.82 6.86 -1.45
N GLU D 172 26.40 8.12 -1.46
CA GLU D 172 27.25 9.24 -1.02
C GLU D 172 26.52 9.91 0.17
N VAL D 173 27.26 10.37 1.18
CA VAL D 173 26.63 10.99 2.35
C VAL D 173 26.28 12.49 2.21
N LYS D 174 25.29 12.94 2.99
CA LYS D 174 24.81 14.33 2.95
C LYS D 174 25.97 15.30 2.77
N HIS D 175 26.89 15.32 3.73
CA HIS D 175 28.04 16.22 3.66
C HIS D 175 28.42 16.34 2.17
N TYR D 176 29.06 15.29 1.64
CA TYR D 176 29.47 15.22 0.24
C TYR D 176 28.56 16.09 -0.61
N LEU D 177 27.46 15.45 -1.01
CA LEU D 177 26.43 16.00 -1.87
C LEU D 177 26.16 17.47 -1.71
N HIS D 178 25.83 17.88 -0.50
CA HIS D 178 25.52 19.28 -0.25
C HIS D 178 26.71 20.18 -0.55
N ASP D 179 27.92 19.61 -0.56
CA ASP D 179 29.12 20.36 -0.87
C ASP D 179 29.39 20.37 -2.40
N ILE D 180 29.49 19.20 -3.05
CA ILE D 180 29.74 19.20 -4.50
C ILE D 180 28.59 19.83 -5.28
N GLN D 181 27.48 20.12 -4.61
CA GLN D 181 26.34 20.75 -5.29
C GLN D 181 26.17 22.18 -4.83
N LYS D 182 27.07 22.61 -3.96
CA LYS D 182 27.09 23.98 -3.47
C LYS D 182 28.33 24.54 -4.15
N SER D 183 29.35 23.69 -4.21
CA SER D 183 30.61 24.04 -4.86
C SER D 183 30.49 23.82 -6.36
N TYR D 184 29.41 24.34 -6.93
CA TYR D 184 29.12 24.28 -8.36
C TYR D 184 27.77 24.90 -8.61
N LEU D 185 27.49 25.92 -7.80
CA LEU D 185 26.28 26.74 -7.84
C LEU D 185 26.88 28.12 -7.59
N LYS D 186 27.88 28.13 -6.71
CA LYS D 186 28.62 29.33 -6.37
C LYS D 186 29.76 29.40 -7.37
N SER D 187 29.44 29.05 -8.61
CA SER D 187 30.39 29.03 -9.73
C SER D 187 29.61 29.06 -11.03
N ARG D 188 28.63 28.17 -11.14
CA ARG D 188 27.79 28.08 -12.32
C ARG D 188 27.13 29.43 -12.63
N GLY D 189 26.88 30.20 -11.58
CA GLY D 189 26.27 31.51 -11.76
C GLY D 189 27.32 32.61 -11.64
N ASN D 190 27.53 33.32 -12.75
CA ASN D 190 28.50 34.42 -12.81
C ASN D 190 29.93 33.92 -13.12
N LYS E 1 -2.45 -28.66 17.47
CA LYS E 1 -2.95 -27.27 17.21
C LYS E 1 -3.01 -26.49 18.53
N HIS E 2 -1.88 -25.96 18.96
CA HIS E 2 -1.83 -25.19 20.20
C HIS E 2 -2.94 -24.12 20.22
N TYR E 3 -3.36 -23.65 19.03
CA TYR E 3 -4.42 -22.65 18.95
C TYR E 3 -5.76 -23.30 19.19
N LEU E 4 -5.75 -24.63 19.17
CA LEU E 4 -6.93 -25.42 19.46
C LEU E 4 -7.17 -24.93 20.91
N HIS E 5 -6.20 -25.22 21.77
CA HIS E 5 -6.24 -24.81 23.17
C HIS E 5 -6.69 -23.36 23.34
N ASP E 6 -5.71 -22.50 23.56
CA ASP E 6 -5.85 -21.06 23.80
C ASP E 6 -7.14 -20.33 23.47
N ILE E 7 -7.50 -20.27 22.20
CA ILE E 7 -8.68 -19.54 21.79
C ILE E 7 -9.95 -19.90 22.58
N GLN E 8 -9.90 -20.92 23.43
CA GLN E 8 -11.08 -21.27 24.24
C GLN E 8 -10.94 -20.95 25.70
N LYS E 9 -9.70 -20.72 26.15
CA LYS E 9 -9.44 -20.31 27.53
C LYS E 9 -9.98 -18.89 27.49
N SER E 10 -9.61 -18.17 26.43
CA SER E 10 -10.06 -16.80 26.21
C SER E 10 -11.60 -16.86 26.16
N TYR E 11 -12.15 -17.71 25.29
CA TYR E 11 -13.61 -17.89 25.16
C TYR E 11 -14.27 -17.94 26.55
N LEU E 12 -13.85 -18.90 27.37
CA LEU E 12 -14.40 -19.08 28.71
C LEU E 12 -14.32 -17.84 29.56
N LYS E 13 -13.15 -17.23 29.64
CA LYS E 13 -12.98 -16.02 30.45
C LYS E 13 -13.78 -14.83 29.91
N SER E 14 -14.41 -14.98 28.74
CA SER E 14 -15.21 -13.91 28.16
C SER E 14 -16.65 -14.10 28.63
N ARG E 15 -16.90 -15.24 29.25
CA ARG E 15 -18.22 -15.57 29.80
C ARG E 15 -18.04 -15.53 31.32
N GLY E 16 -17.34 -16.51 31.85
CA GLY E 16 -17.08 -16.51 33.28
C GLY E 16 -16.00 -15.48 33.51
N ASN E 17 -16.29 -14.24 33.12
CA ASN E 17 -15.37 -13.10 33.23
C ASN E 17 -14.31 -13.22 34.34
N LYS F 1 -14.12 -25.40 -31.66
CA LYS F 1 -12.85 -24.61 -31.58
C LYS F 1 -12.98 -23.49 -30.56
N HIS F 2 -12.81 -23.83 -29.28
CA HIS F 2 -12.90 -22.84 -28.22
C HIS F 2 -12.06 -21.59 -28.55
N TYR F 3 -10.98 -21.77 -29.32
CA TYR F 3 -10.14 -20.64 -29.71
C TYR F 3 -10.81 -19.84 -30.79
N LEU F 4 -11.87 -20.41 -31.33
CA LEU F 4 -12.70 -19.75 -32.33
C LEU F 4 -13.16 -18.56 -31.47
N HIS F 5 -13.88 -18.86 -30.40
CA HIS F 5 -14.38 -17.87 -29.47
C HIS F 5 -13.32 -16.84 -29.09
N ASP F 6 -12.74 -17.05 -27.91
CA ASP F 6 -11.73 -16.21 -27.29
C ASP F 6 -10.94 -15.17 -28.08
N ILE F 7 -10.15 -15.62 -29.05
CA ILE F 7 -9.33 -14.71 -29.82
C ILE F 7 -10.08 -13.51 -30.41
N GLN F 8 -11.41 -13.49 -30.30
CA GLN F 8 -12.18 -12.35 -30.82
C GLN F 8 -12.79 -11.49 -29.74
N LYS F 9 -12.85 -12.00 -28.51
CA LYS F 9 -13.34 -11.22 -27.37
C LYS F 9 -12.15 -10.28 -27.19
N SER F 10 -10.95 -10.84 -27.25
CA SER F 10 -9.72 -10.07 -27.14
C SER F 10 -9.75 -9.04 -28.26
N TYR F 11 -9.91 -9.50 -29.51
CA TYR F 11 -10.01 -8.61 -30.69
C TYR F 11 -10.86 -7.37 -30.37
N LEU F 12 -12.12 -7.61 -30.01
CA LEU F 12 -13.06 -6.54 -29.70
C LEU F 12 -12.54 -5.58 -28.65
N LYS F 13 -12.10 -6.10 -27.52
CA LYS F 13 -11.59 -5.25 -26.44
C LYS F 13 -10.32 -4.49 -26.82
N SER F 14 -9.76 -4.80 -27.99
CA SER F 14 -8.55 -4.11 -28.44
C SER F 14 -9.00 -2.91 -29.28
N ARG F 15 -10.30 -2.85 -29.58
CA ARG F 15 -10.89 -1.74 -30.32
C ARG F 15 -11.75 -0.98 -29.31
N GLY F 16 -12.86 -1.58 -28.91
CA GLY F 16 -13.69 -0.94 -27.92
C GLY F 16 -12.99 -1.16 -26.59
N ASN F 17 -11.76 -0.65 -26.51
CA ASN F 17 -10.89 -0.76 -25.33
C ASN F 17 -11.63 -0.92 -23.99
P PO4 G . -2.11 2.24 10.32
O1 PO4 G . -1.54 0.88 10.09
O2 PO4 G . -3.30 2.41 9.44
O3 PO4 G . -2.54 2.35 11.75
O4 PO4 G . -1.09 3.28 10.03
P PO4 H . 4.41 19.25 7.91
O1 PO4 H . 3.42 19.49 6.83
O2 PO4 H . 4.75 20.54 8.57
O3 PO4 H . 3.84 18.32 8.91
O4 PO4 H . 5.64 18.65 7.33
P PO4 I . 15.19 -16.67 -23.66
O1 PO4 I . 16.00 -17.44 -24.64
O2 PO4 I . 15.22 -15.22 -24.03
O3 PO4 I . 13.79 -17.16 -23.69
O4 PO4 I . 15.75 -16.84 -22.28
P PO4 J . -18.99 -23.54 23.81
O1 PO4 J . -18.10 -23.98 22.69
O2 PO4 J . -20.40 -23.47 23.33
O3 PO4 J . -18.90 -24.54 24.92
O4 PO4 J . -18.56 -22.21 24.30
#